data_5QJK
#
_entry.id   5QJK
#
_cell.length_a   48.961
_cell.length_b   59.772
_cell.length_c   80.215
_cell.angle_alpha   79.300
_cell.angle_beta   81.690
_cell.angle_gamma   75.950
#
_symmetry.space_group_name_H-M   'P 1'
#
loop_
_entity.id
_entity.type
_entity.pdbx_description
1 polymer 'ADP-sugar pyrophosphatase'
2 non-polymer 'MAGNESIUM ION'
3 non-polymer 'CHLORIDE ION'
4 non-polymer 6-(azetidin-1-yl)-9H-purine
5 non-polymer 1,2-ETHANEDIOL
6 water water
#
_entity_poly.entity_id   1
_entity_poly.type   'polypeptide(L)'
_entity_poly.pdbx_seq_one_letter_code
;SMESQEPTESSQNGKQYIISEELISEGKWVKLEKTTYMDPTGKTRTWESVKRTTRKEQTADGVAVIPVLQRTLHYECIVL
VKQFRPPMGGYCIEFPAGLIDDGETPEAAALRELEEETGYKGDIAECSPAVCMDPGLSNCTIHIVTVTINGDDAENARPK
PKPGDGEFVEVISLPKNDLLQRLDALVAEEHLTVDARVYSYALALKHAN
;
_entity_poly.pdbx_strand_id   A,B,C,D
#
loop_
_chem_comp.id
_chem_comp.type
_chem_comp.name
_chem_comp.formula
CL non-polymer 'CHLORIDE ION' 'Cl -1'
EDO non-polymer 1,2-ETHANEDIOL 'C2 H6 O2'
K1D non-polymer 6-(azetidin-1-yl)-9H-purine 'C8 H9 N5'
MG non-polymer 'MAGNESIUM ION' 'Mg 2'
#
# COMPACT_ATOMS: atom_id res chain seq x y z
N LYS A 15 -16.24 -37.55 23.19
CA LYS A 15 -15.41 -38.79 23.23
C LYS A 15 -14.12 -38.66 24.07
N GLN A 16 -13.27 -37.67 23.80
CA GLN A 16 -11.96 -37.54 24.48
C GLN A 16 -11.96 -36.58 25.65
N TYR A 17 -11.04 -36.82 26.59
CA TYR A 17 -11.02 -36.06 27.84
C TYR A 17 -9.74 -36.33 28.60
N ILE A 18 -9.45 -35.42 29.50
CA ILE A 18 -8.33 -35.43 30.39
C ILE A 18 -8.63 -36.40 31.54
N ILE A 19 -7.65 -37.24 31.82
CA ILE A 19 -7.62 -38.21 32.92
C ILE A 19 -6.81 -37.65 34.06
N SER A 20 -5.62 -37.13 33.78
CA SER A 20 -4.81 -36.49 34.82
C SER A 20 -3.83 -35.46 34.27
N GLU A 21 -3.38 -34.55 35.12
CA GLU A 21 -2.37 -33.54 34.75
C GLU A 21 -1.32 -33.57 35.89
N GLU A 22 -0.10 -34.01 35.60
CA GLU A 22 1.01 -34.13 36.53
C GLU A 22 2.01 -33.01 36.32
N LEU A 23 2.33 -32.25 37.37
CA LEU A 23 3.33 -31.20 37.24
C LEU A 23 4.70 -31.79 37.00
N ILE A 24 5.39 -31.33 35.97
CA ILE A 24 6.78 -31.69 35.73
C ILE A 24 7.76 -30.62 36.26
N SER A 25 7.53 -29.34 35.95
CA SER A 25 8.46 -28.29 36.31
C SER A 25 7.68 -27.01 36.35
N GLU A 26 7.83 -26.22 37.41
CA GLU A 26 7.03 -25.03 37.63
C GLU A 26 7.99 -23.88 37.82
N GLY A 27 8.01 -22.92 36.87
CA GLY A 27 8.65 -21.65 37.05
C GLY A 27 7.83 -20.59 37.73
N LYS A 28 8.34 -19.37 37.71
CA LYS A 28 7.60 -18.20 38.17
C LYS A 28 6.42 -17.86 37.23
N TRP A 29 6.62 -18.06 35.93
CA TRP A 29 5.67 -17.64 34.89
C TRP A 29 5.08 -18.78 34.08
N VAL A 30 5.81 -19.88 33.93
CA VAL A 30 5.48 -20.97 33.02
C VAL A 30 5.67 -22.28 33.75
N LYS A 31 4.79 -23.23 33.46
CA LYS A 31 4.99 -24.58 33.94
C LYS A 31 4.83 -25.58 32.83
N LEU A 32 5.37 -26.76 33.05
CA LEU A 32 5.27 -27.86 32.13
C LEU A 32 4.57 -29.03 32.82
N GLU A 33 3.58 -29.63 32.16
CA GLU A 33 2.81 -30.78 32.67
C GLU A 33 2.80 -31.99 31.76
N LYS A 34 2.72 -33.20 32.37
CA LYS A 34 2.48 -34.46 31.66
C LYS A 34 0.99 -34.66 31.73
N THR A 35 0.34 -34.55 30.60
CA THR A 35 -1.11 -34.70 30.54
C THR A 35 -1.46 -36.12 30.11
N THR A 36 -2.33 -36.78 30.86
CA THR A 36 -2.90 -38.06 30.45
C THR A 36 -4.32 -37.86 29.99
N TYR A 37 -4.62 -38.38 28.81
CA TYR A 37 -5.95 -38.27 28.23
C TYR A 37 -6.41 -39.55 27.56
N MET A 38 -7.71 -39.58 27.34
CA MET A 38 -8.38 -40.73 26.73
C MET A 38 -8.55 -40.44 25.26
N ASP A 39 -7.98 -41.30 24.42
CA ASP A 39 -8.14 -41.16 22.96
C ASP A 39 -9.48 -41.74 22.51
N PRO A 40 -9.87 -41.46 21.25
CA PRO A 40 -11.22 -41.85 20.88
C PRO A 40 -11.41 -43.34 20.57
N THR A 41 -10.30 -44.09 20.37
CA THR A 41 -10.33 -45.59 20.36
C THR A 41 -10.50 -46.18 21.77
N GLY A 42 -10.33 -45.38 22.81
CA GLY A 42 -10.49 -45.80 24.20
C GLY A 42 -9.17 -46.12 24.89
N LYS A 43 -8.06 -45.80 24.24
CA LYS A 43 -6.72 -45.94 24.77
C LYS A 43 -6.24 -44.66 25.53
N THR A 44 -5.59 -44.89 26.67
CA THR A 44 -4.86 -43.88 27.44
C THR A 44 -3.59 -43.43 26.65
N ARG A 45 -3.38 -42.11 26.49
CA ARG A 45 -2.18 -41.54 25.88
C ARG A 45 -1.71 -40.32 26.70
N THR A 46 -0.47 -39.89 26.49
CA THR A 46 0.08 -38.73 27.19
C THR A 46 0.50 -37.63 26.20
N TRP A 47 0.68 -36.44 26.75
CA TRP A 47 1.04 -35.25 25.96
C TRP A 47 1.89 -34.39 26.90
N GLU A 48 2.86 -33.68 26.37
CA GLU A 48 3.55 -32.66 27.15
C GLU A 48 2.91 -31.27 26.94
N SER A 49 2.40 -30.68 28.02
CA SER A 49 1.55 -29.49 27.97
C SER A 49 2.21 -28.33 28.71
N VAL A 50 2.15 -27.15 28.10
CA VAL A 50 2.66 -25.93 28.67
C VAL A 50 1.48 -25.10 29.20
N LYS A 51 1.61 -24.53 30.38
CA LYS A 51 0.66 -23.57 30.87
C LYS A 51 1.35 -22.40 31.57
N ARG A 52 0.67 -21.26 31.65
CA ARG A 52 1.14 -20.18 32.50
C ARG A 52 0.72 -20.38 33.95
N THR A 53 1.48 -19.80 34.87
CA THR A 53 1.18 -19.88 36.31
C THR A 53 0.29 -18.74 36.79
N THR A 54 0.07 -17.77 35.93
CA THR A 54 -0.63 -16.54 36.23
C THR A 54 -2.16 -16.48 35.96
N ARG A 55 -2.78 -17.59 35.54
CA ARG A 55 -4.19 -17.57 35.21
C ARG A 55 -5.02 -17.89 36.45
N LYS A 56 -5.90 -16.97 36.83
CA LYS A 56 -6.77 -17.17 38.03
C LYS A 56 -8.21 -17.31 37.58
N GLU A 57 -9.03 -16.28 37.80
CA GLU A 57 -10.44 -16.25 37.30
C GLU A 57 -10.65 -15.54 35.91
N GLN A 58 -9.57 -15.19 35.22
CA GLN A 58 -9.68 -14.52 33.93
C GLN A 58 -10.24 -15.53 32.92
N THR A 59 -10.97 -15.01 31.94
CA THR A 59 -11.58 -15.85 30.91
C THR A 59 -10.53 -16.25 29.89
N ALA A 60 -9.34 -15.63 29.99
CA ALA A 60 -8.21 -15.99 29.18
C ALA A 60 -6.96 -15.47 29.82
N ASP A 61 -5.80 -15.92 29.33
CA ASP A 61 -4.56 -15.38 29.85
C ASP A 61 -4.34 -13.91 29.54
N GLY A 62 -4.61 -13.57 28.29
CA GLY A 62 -4.25 -12.23 27.83
C GLY A 62 -5.21 -11.66 26.81
N VAL A 63 -4.83 -10.50 26.28
CA VAL A 63 -5.55 -9.87 25.18
C VAL A 63 -4.55 -9.50 24.13
N ALA A 64 -4.99 -9.53 22.88
CA ALA A 64 -4.27 -8.83 21.78
C ALA A 64 -5.25 -7.83 21.19
N VAL A 65 -4.73 -6.69 20.80
CA VAL A 65 -5.56 -5.59 20.35
C VAL A 65 -5.36 -5.42 18.84
N ILE A 66 -6.47 -5.34 18.10
CA ILE A 66 -6.45 -4.95 16.68
C ILE A 66 -6.84 -3.47 16.66
N PRO A 67 -5.84 -2.59 16.52
CA PRO A 67 -6.11 -1.15 16.70
C PRO A 67 -6.17 -0.44 15.36
N VAL A 68 -7.36 0.01 15.01
CA VAL A 68 -7.60 0.57 13.68
C VAL A 68 -7.58 2.05 13.85
N LEU A 69 -6.50 2.66 13.37
CA LEU A 69 -6.31 4.11 13.49
C LEU A 69 -7.04 4.79 12.37
N GLN A 70 -7.99 5.66 12.73
CA GLN A 70 -8.89 6.33 11.76
C GLN A 70 -8.67 7.84 11.85
N ARG A 71 -8.46 8.48 10.69
CA ARG A 71 -8.19 9.90 10.66
C ARG A 71 -8.76 10.44 9.38
N THR A 72 -9.35 11.63 9.48
CA THR A 72 -9.96 12.21 8.29
C THR A 72 -8.88 12.39 7.21
N LEU A 73 -9.26 11.99 6.02
CA LEU A 73 -8.44 12.16 4.79
C LEU A 73 -7.18 11.33 4.86
N HIS A 74 -7.24 10.25 5.67
CA HIS A 74 -6.15 9.24 5.71
C HIS A 74 -6.73 7.89 5.50
N TYR A 75 -5.94 7.00 4.91
CA TYR A 75 -6.27 5.64 4.86
C TYR A 75 -6.16 5.09 6.30
N GLU A 76 -7.02 4.14 6.61
CA GLU A 76 -7.01 3.46 7.95
C GLU A 76 -5.66 2.78 8.12
N CYS A 77 -5.12 2.82 9.33
CA CYS A 77 -3.89 2.13 9.62
C CYS A 77 -4.13 1.13 10.70
N ILE A 78 -3.32 0.09 10.68
CA ILE A 78 -3.31 -0.96 11.71
C ILE A 78 -2.10 -0.64 12.56
N VAL A 79 -2.27 -0.46 13.87
CA VAL A 79 -1.16 -0.03 14.74
C VAL A 79 -0.52 -1.33 15.32
N LEU A 80 0.77 -1.49 15.10
CA LEU A 80 1.54 -2.67 15.54
C LEU A 80 2.70 -2.23 16.45
N VAL A 81 3.25 -3.19 17.16
CA VAL A 81 4.37 -2.93 18.02
C VAL A 81 5.51 -3.85 17.71
N LYS A 82 6.72 -3.35 17.90
CA LYS A 82 7.96 -4.13 17.68
C LYS A 82 8.70 -4.15 18.98
N GLN A 83 9.07 -5.34 19.46
CA GLN A 83 9.79 -5.50 20.71
C GLN A 83 10.68 -6.68 20.64
N PHE A 84 11.69 -6.72 21.51
CA PHE A 84 12.53 -7.88 21.65
C PHE A 84 11.78 -8.94 22.48
N ARG A 85 11.79 -10.15 21.97
CA ARG A 85 11.14 -11.29 22.63
C ARG A 85 12.21 -12.29 23.01
N PRO A 86 12.50 -12.39 24.30
CA PRO A 86 13.57 -13.34 24.67
C PRO A 86 13.37 -14.79 24.17
N PRO A 87 12.12 -15.37 24.21
CA PRO A 87 11.97 -16.74 23.67
C PRO A 87 12.39 -16.86 22.22
N MET A 88 12.23 -15.79 21.43
CA MET A 88 12.58 -15.82 20.03
C MET A 88 14.02 -15.45 19.75
N GLY A 89 14.71 -14.87 20.74
CA GLY A 89 16.06 -14.31 20.55
C GLY A 89 16.14 -13.21 19.50
N GLY A 90 15.13 -12.34 19.45
CA GLY A 90 15.14 -11.21 18.53
C GLY A 90 13.82 -10.47 18.53
N TYR A 91 13.71 -9.55 17.59
CA TYR A 91 12.58 -8.62 17.46
C TYR A 91 11.40 -9.19 16.67
N CYS A 92 10.21 -8.90 17.20
CA CYS A 92 8.98 -9.38 16.63
C CYS A 92 8.03 -8.26 16.40
N ILE A 93 7.20 -8.38 15.36
CA ILE A 93 6.14 -7.39 15.08
C ILE A 93 4.80 -8.06 15.41
N GLU A 94 4.04 -7.44 16.28
CA GLU A 94 2.82 -8.05 16.86
C GLU A 94 1.73 -6.97 17.06
N PHE A 95 0.48 -7.44 17.20
CA PHE A 95 -0.54 -6.61 17.75
C PHE A 95 -0.14 -6.24 19.19
N PRO A 96 -0.50 -5.03 19.64
CA PRO A 96 -0.31 -4.71 21.05
C PRO A 96 -1.07 -5.76 21.91
N ALA A 97 -0.48 -6.17 23.01
CA ALA A 97 -0.95 -7.31 23.78
C ALA A 97 -0.37 -7.29 25.19
N GLY A 98 -1.08 -7.95 26.11
CA GLY A 98 -0.55 -8.23 27.42
C GLY A 98 -1.46 -9.15 28.17
N LEU A 99 -1.00 -9.57 29.36
CA LEU A 99 -1.84 -10.43 30.19
C LEU A 99 -2.95 -9.63 30.87
N ILE A 100 -4.08 -10.28 31.15
CA ILE A 100 -5.22 -9.63 31.82
C ILE A 100 -4.93 -9.64 33.32
N ASP A 101 -4.96 -8.47 33.99
CA ASP A 101 -4.71 -8.47 35.46
C ASP A 101 -5.91 -9.13 36.16
N ASP A 102 -5.68 -9.65 37.37
CA ASP A 102 -6.74 -10.30 38.17
C ASP A 102 -7.87 -9.29 38.39
N GLY A 103 -9.09 -9.65 38.05
CA GLY A 103 -10.27 -8.81 38.21
C GLY A 103 -10.54 -7.85 37.09
N GLU A 104 -9.65 -7.84 36.10
CA GLU A 104 -9.74 -6.89 35.04
C GLU A 104 -10.60 -7.53 33.90
N THR A 105 -11.42 -6.74 33.23
CA THR A 105 -12.09 -7.24 32.08
C THR A 105 -11.13 -7.32 30.85
N PRO A 106 -11.46 -8.18 29.90
CA PRO A 106 -10.62 -8.16 28.67
C PRO A 106 -10.63 -6.83 27.95
N GLU A 107 -11.77 -6.16 27.87
CA GLU A 107 -11.84 -4.84 27.24
C GLU A 107 -10.96 -3.81 27.91
N ALA A 108 -11.04 -3.75 29.22
CA ALA A 108 -10.22 -2.85 30.00
C ALA A 108 -8.73 -3.18 29.81
N ALA A 109 -8.40 -4.46 29.82
CA ALA A 109 -7.02 -4.86 29.60
C ALA A 109 -6.52 -4.42 28.22
N ALA A 110 -7.36 -4.61 27.20
CA ALA A 110 -7.05 -4.15 25.82
C ALA A 110 -6.79 -2.69 25.75
N LEU A 111 -7.72 -1.91 26.27
CA LEU A 111 -7.55 -0.46 26.21
C LEU A 111 -6.31 -0.01 26.98
N ARG A 112 -6.05 -0.65 28.10
CA ARG A 112 -4.91 -0.33 28.93
C ARG A 112 -3.61 -0.72 28.25
N GLU A 113 -3.49 -1.95 27.78
CA GLU A 113 -2.29 -2.34 27.03
C GLU A 113 -2.05 -1.49 25.76
N LEU A 114 -3.09 -1.18 25.00
CA LEU A 114 -2.93 -0.32 23.85
C LEU A 114 -2.34 1.05 24.27
N GLU A 115 -2.87 1.66 25.36
CA GLU A 115 -2.35 2.93 25.78
C GLU A 115 -0.92 2.81 26.27
N GLU A 116 -0.63 1.78 27.05
CA GLU A 116 0.75 1.58 27.59
C GLU A 116 1.80 1.39 26.50
N GLU A 117 1.43 0.62 25.48
CA GLU A 117 2.40 0.21 24.48
C GLU A 117 2.52 1.21 23.35
N THR A 118 1.44 1.94 23.09
CA THR A 118 1.40 2.86 21.91
C THR A 118 1.15 4.32 22.22
N GLY A 119 0.60 4.62 23.38
CA GLY A 119 0.14 5.94 23.72
C GLY A 119 -1.28 6.26 23.27
N TYR A 120 -1.85 5.47 22.35
CA TYR A 120 -3.15 5.77 21.88
C TYR A 120 -4.29 5.35 22.84
N LYS A 121 -5.34 6.18 22.88
CA LYS A 121 -6.57 5.94 23.56
C LYS A 121 -7.62 5.49 22.61
N GLY A 122 -7.99 4.22 22.66
CA GLY A 122 -8.93 3.68 21.72
C GLY A 122 -10.33 3.64 22.23
N ASP A 123 -11.22 3.21 21.37
CA ASP A 123 -12.63 2.93 21.74
C ASP A 123 -12.93 1.49 21.38
N ILE A 124 -13.54 0.71 22.27
CA ILE A 124 -13.90 -0.63 21.96
C ILE A 124 -14.82 -0.74 20.76
N ALA A 125 -14.49 -1.67 19.88
CA ALA A 125 -15.39 -2.11 18.79
C ALA A 125 -16.00 -3.45 19.00
N GLU A 126 -15.19 -4.47 19.28
CA GLU A 126 -15.66 -5.85 19.46
C GLU A 126 -14.65 -6.60 20.28
N CYS A 127 -15.14 -7.67 20.88
CA CYS A 127 -14.33 -8.55 21.71
C CYS A 127 -14.61 -9.98 21.37
N SER A 128 -13.57 -10.76 21.02
CA SER A 128 -13.73 -12.15 20.70
C SER A 128 -13.99 -13.00 21.91
N PRO A 129 -14.55 -14.20 21.72
CA PRO A 129 -14.38 -15.21 22.75
C PRO A 129 -12.89 -15.57 22.95
N ALA A 130 -12.61 -16.29 24.02
CA ALA A 130 -11.26 -16.76 24.26
C ALA A 130 -10.80 -17.67 23.14
N VAL A 131 -9.65 -17.33 22.54
CA VAL A 131 -9.12 -18.11 21.40
C VAL A 131 -7.76 -18.66 21.74
N CYS A 132 -7.36 -19.81 21.16
CA CYS A 132 -6.12 -20.47 21.61
C CYS A 132 -4.91 -20.06 20.82
N MET A 133 -3.83 -19.88 21.55
CA MET A 133 -2.53 -19.43 21.01
C MET A 133 -1.74 -20.49 20.24
N ASP A 134 -1.69 -21.73 20.76
CA ASP A 134 -0.89 -22.77 20.11
C ASP A 134 -1.33 -24.04 20.80
N PRO A 135 -2.50 -24.58 20.39
CA PRO A 135 -3.20 -25.52 21.26
C PRO A 135 -2.60 -26.94 21.28
N GLY A 136 -1.77 -27.29 20.30
CA GLY A 136 -0.94 -28.51 20.40
C GLY A 136 0.18 -28.40 21.43
N LEU A 137 0.46 -27.22 21.97
CA LEU A 137 1.58 -27.00 22.88
C LEU A 137 1.19 -26.50 24.28
N SER A 138 0.30 -25.51 24.32
CA SER A 138 -0.08 -24.84 25.54
C SER A 138 -1.59 -24.66 25.66
N ASN A 139 -2.00 -24.32 26.85
CA ASN A 139 -3.42 -23.98 27.09
C ASN A 139 -3.65 -22.46 26.96
N CYS A 140 -2.69 -21.74 26.45
CA CYS A 140 -2.73 -20.27 26.54
C CYS A 140 -3.82 -19.77 25.59
N THR A 141 -4.55 -18.80 26.12
CA THR A 141 -5.67 -18.22 25.40
C THR A 141 -5.66 -16.69 25.54
N ILE A 142 -6.25 -16.07 24.52
CA ILE A 142 -6.44 -14.63 24.57
C ILE A 142 -7.85 -14.26 24.11
N HIS A 143 -8.26 -13.01 24.46
CA HIS A 143 -9.30 -12.33 23.69
C HIS A 143 -8.65 -11.37 22.70
N ILE A 144 -9.15 -11.41 21.47
CA ILE A 144 -8.76 -10.50 20.43
C ILE A 144 -9.81 -9.39 20.50
N VAL A 145 -9.34 -8.21 20.79
CA VAL A 145 -10.21 -7.03 20.98
C VAL A 145 -9.93 -6.02 19.91
N THR A 146 -10.93 -5.77 19.09
CA THR A 146 -10.84 -4.75 18.05
C THR A 146 -11.19 -3.42 18.67
N VAL A 147 -10.32 -2.43 18.42
CA VAL A 147 -10.48 -1.09 18.97
C VAL A 147 -10.23 -0.09 17.84
N THR A 148 -11.06 0.93 17.75
CA THR A 148 -10.80 2.04 16.83
C THR A 148 -10.11 3.16 17.57
N ILE A 149 -9.22 3.90 16.92
CA ILE A 149 -8.56 5.01 17.52
C ILE A 149 -8.97 6.23 16.70
N ASN A 150 -9.49 7.28 17.38
CA ASN A 150 -9.87 8.48 16.64
C ASN A 150 -8.60 9.31 16.61
N GLY A 151 -7.84 9.21 15.49
CA GLY A 151 -6.63 9.95 15.35
C GLY A 151 -6.83 11.46 15.09
N ASP A 152 -8.07 11.89 14.90
CA ASP A 152 -8.36 13.36 14.88
C ASP A 152 -8.49 13.97 16.29
N ASP A 153 -8.67 13.14 17.33
CA ASP A 153 -8.87 13.65 18.69
C ASP A 153 -7.53 14.13 19.23
N ALA A 154 -7.51 15.24 19.98
CA ALA A 154 -6.25 15.82 20.45
C ALA A 154 -5.44 14.88 21.38
N GLU A 155 -6.14 14.04 22.15
CA GLU A 155 -5.51 12.99 22.98
C GLU A 155 -4.60 12.05 22.14
N ASN A 156 -4.94 11.86 20.88
CA ASN A 156 -4.24 10.94 20.01
C ASN A 156 -3.33 11.60 18.99
N ALA A 157 -2.98 12.87 19.26
CA ALA A 157 -2.15 13.66 18.33
C ALA A 157 -0.70 13.23 18.42
N ARG A 158 -0.13 13.34 19.62
CA ARG A 158 1.29 13.03 19.83
C ARG A 158 1.36 11.96 20.93
N PRO A 159 0.96 10.72 20.60
CA PRO A 159 0.89 9.67 21.62
C PRO A 159 2.30 9.21 22.06
N LYS A 160 2.52 9.12 23.37
CA LYS A 160 3.75 8.59 23.96
C LYS A 160 3.46 7.25 24.66
N PRO A 161 4.10 6.15 24.21
CA PRO A 161 4.05 4.91 25.04
C PRO A 161 4.42 5.15 26.53
N LYS A 162 3.76 4.45 27.45
CA LYS A 162 4.13 4.38 28.88
C LYS A 162 4.63 2.95 29.17
N PRO A 163 5.89 2.66 28.78
CA PRO A 163 6.39 1.29 29.04
C PRO A 163 6.49 0.95 30.55
N GLY A 164 6.19 -0.31 30.90
CA GLY A 164 6.44 -0.83 32.25
C GLY A 164 7.92 -0.96 32.54
N ASP A 165 8.24 -1.46 33.73
CA ASP A 165 9.64 -1.83 34.03
C ASP A 165 10.00 -2.97 33.06
N GLY A 166 11.13 -2.88 32.37
CA GLY A 166 11.54 -3.91 31.41
C GLY A 166 10.73 -4.02 30.11
N GLU A 167 9.93 -2.98 29.79
CA GLU A 167 9.14 -2.91 28.54
C GLU A 167 9.81 -1.84 27.67
N PHE A 168 10.01 -2.18 26.38
CA PHE A 168 10.70 -1.30 25.43
C PHE A 168 10.11 -1.56 24.05
N VAL A 169 9.11 -0.79 23.73
CA VAL A 169 8.27 -1.02 22.61
C VAL A 169 8.35 0.11 21.54
N GLU A 170 8.43 -0.28 20.28
CA GLU A 170 8.36 0.64 19.14
C GLU A 170 7.00 0.47 18.44
N VAL A 171 6.36 1.58 18.09
CA VAL A 171 5.11 1.60 17.37
C VAL A 171 5.31 1.68 15.87
N ILE A 172 4.60 0.83 15.11
CA ILE A 172 4.63 0.80 13.64
C ILE A 172 3.22 0.79 13.17
N SER A 173 2.80 1.88 12.51
CA SER A 173 1.45 1.99 11.96
C SER A 173 1.49 1.79 10.48
N LEU A 174 0.76 0.80 9.98
CA LEU A 174 0.79 0.45 8.55
C LEU A 174 -0.58 0.55 7.93
N PRO A 175 -0.70 1.08 6.69
CA PRO A 175 -2.03 1.14 6.09
C PRO A 175 -2.70 -0.20 5.86
N LYS A 176 -3.96 -0.32 6.32
CA LYS A 176 -4.71 -1.52 6.19
C LYS A 176 -4.80 -2.00 4.75
N ASN A 177 -4.89 -1.01 3.81
CA ASN A 177 -5.01 -1.33 2.42
C ASN A 177 -3.74 -1.90 1.79
N ASP A 178 -2.64 -1.97 2.51
CA ASP A 178 -1.39 -2.56 1.94
C ASP A 178 -0.60 -3.32 2.99
N LEU A 179 -1.32 -3.87 3.99
CA LEU A 179 -0.62 -4.30 5.14
C LEU A 179 0.39 -5.45 4.81
N LEU A 180 -0.05 -6.44 4.03
CA LEU A 180 0.78 -7.61 3.77
C LEU A 180 2.08 -7.17 3.05
N GLN A 181 1.98 -6.31 2.06
CA GLN A 181 3.20 -5.85 1.37
C GLN A 181 4.10 -5.06 2.26
N ARG A 182 3.52 -4.24 3.12
CA ARG A 182 4.31 -3.44 4.02
C ARG A 182 5.06 -4.25 5.05
N LEU A 183 4.41 -5.30 5.58
CA LEU A 183 5.02 -6.27 6.45
C LEU A 183 6.16 -7.02 5.70
N ASP A 184 5.87 -7.46 4.50
CA ASP A 184 6.92 -8.15 3.65
C ASP A 184 8.12 -7.21 3.46
N ALA A 185 7.89 -5.94 3.21
CA ALA A 185 8.98 -4.99 3.05
C ALA A 185 9.78 -4.79 4.34
N LEU A 186 9.09 -4.78 5.50
CA LEU A 186 9.80 -4.78 6.77
C LEU A 186 10.68 -5.99 7.04
N VAL A 187 10.18 -7.18 6.67
CA VAL A 187 10.89 -8.44 6.87
C VAL A 187 12.12 -8.44 5.93
N ALA A 188 11.95 -7.87 4.73
CA ALA A 188 13.06 -7.82 3.73
C ALA A 188 14.23 -6.96 4.20
N GLU A 189 13.96 -5.90 4.98
CA GLU A 189 14.95 -4.91 5.39
C GLU A 189 15.72 -5.18 6.68
N GLU A 190 15.11 -5.89 7.63
CA GLU A 190 15.77 -6.29 8.89
C GLU A 190 15.45 -7.74 9.25
N HIS A 191 16.26 -8.32 10.14
CA HIS A 191 15.91 -9.61 10.74
C HIS A 191 14.85 -9.33 11.78
N LEU A 192 13.61 -9.69 11.48
CA LEU A 192 12.57 -9.55 12.50
C LEU A 192 11.55 -10.56 12.10
N THR A 193 10.71 -10.95 13.04
CA THR A 193 9.74 -11.94 12.74
C THR A 193 8.34 -11.29 12.90
N VAL A 194 7.47 -11.61 12.00
CA VAL A 194 6.10 -11.13 12.12
C VAL A 194 5.32 -12.19 12.87
N ASP A 195 4.44 -11.76 13.72
CA ASP A 195 3.52 -12.66 14.42
C ASP A 195 2.52 -13.33 13.55
N ALA A 196 2.21 -14.59 13.84
CA ALA A 196 1.29 -15.32 12.99
C ALA A 196 -0.14 -14.77 12.94
N ARG A 197 -0.60 -14.16 14.02
CA ARG A 197 -1.94 -13.52 14.00
C ARG A 197 -1.93 -12.27 13.11
N VAL A 198 -0.88 -11.49 13.20
CA VAL A 198 -0.71 -10.31 12.34
C VAL A 198 -0.71 -10.78 10.89
N TYR A 199 0.05 -11.84 10.59
CA TYR A 199 0.20 -12.27 9.20
C TYR A 199 -1.11 -12.84 8.66
N SER A 200 -1.83 -13.53 9.51
CA SER A 200 -3.11 -14.14 9.15
C SER A 200 -4.11 -13.02 8.81
N TYR A 201 -4.12 -11.99 9.64
CA TYR A 201 -5.00 -10.83 9.46
C TYR A 201 -4.63 -10.14 8.13
N ALA A 202 -3.36 -9.91 7.94
CA ALA A 202 -2.87 -9.34 6.66
C ALA A 202 -3.19 -10.16 5.40
N LEU A 203 -3.04 -11.46 5.48
CA LEU A 203 -3.44 -12.34 4.37
C LEU A 203 -4.93 -12.26 4.06
N ALA A 204 -5.80 -12.27 5.09
CA ALA A 204 -7.24 -12.20 4.80
C ALA A 204 -7.60 -10.85 4.17
N LEU A 205 -6.95 -9.77 4.60
CA LEU A 205 -7.16 -8.47 3.98
C LEU A 205 -6.85 -8.52 2.48
N LYS A 206 -5.78 -9.20 2.11
CA LYS A 206 -5.46 -9.43 0.70
C LYS A 206 -6.53 -10.32 0.05
N HIS A 207 -6.89 -11.43 0.69
CA HIS A 207 -7.81 -12.42 0.13
C HIS A 207 -9.23 -11.91 -0.03
N ALA A 208 -9.62 -10.88 0.74
CA ALA A 208 -10.95 -10.38 0.62
C ALA A 208 -11.04 -9.58 -0.69
N LYS B 15 20.18 -3.58 19.88
CA LYS B 15 20.24 -3.10 21.30
C LYS B 15 20.00 -4.23 22.30
N GLN B 16 19.00 -5.12 22.09
CA GLN B 16 18.80 -6.26 23.01
C GLN B 16 19.28 -7.56 22.39
N TYR B 17 19.69 -8.49 23.23
CA TYR B 17 20.20 -9.76 22.77
C TYR B 17 20.26 -10.74 23.91
N ILE B 18 20.41 -12.01 23.51
CA ILE B 18 20.49 -13.12 24.40
C ILE B 18 21.96 -13.24 24.88
N ILE B 19 22.14 -13.39 26.18
CA ILE B 19 23.46 -13.66 26.75
C ILE B 19 23.65 -15.15 26.90
N SER B 20 22.71 -15.83 27.59
CA SER B 20 22.76 -17.28 27.80
C SER B 20 21.41 -17.93 27.96
N GLU B 21 21.38 -19.25 27.80
CA GLU B 21 20.17 -20.02 28.00
C GLU B 21 20.51 -21.18 28.89
N GLU B 22 19.70 -21.37 29.91
CA GLU B 22 19.86 -22.44 30.88
C GLU B 22 18.72 -23.42 30.69
N LEU B 23 19.05 -24.67 30.40
CA LEU B 23 18.03 -25.71 30.40
C LEU B 23 17.39 -25.92 31.78
N ILE B 24 16.06 -25.87 31.86
CA ILE B 24 15.33 -26.13 33.12
C ILE B 24 14.74 -27.53 33.12
N SER B 25 14.13 -27.95 32.02
CA SER B 25 13.46 -29.24 31.96
C SER B 25 13.25 -29.60 30.50
N GLU B 26 13.58 -30.83 30.11
CA GLU B 26 13.53 -31.27 28.74
C GLU B 26 12.70 -32.52 28.66
N GLY B 27 11.64 -32.46 27.89
CA GLY B 27 10.81 -33.63 27.63
C GLY B 27 11.17 -34.25 26.30
N LYS B 28 10.31 -35.14 25.87
CA LYS B 28 10.40 -35.72 24.55
C LYS B 28 10.12 -34.69 23.44
N TRP B 29 9.16 -33.80 23.71
CA TRP B 29 8.60 -32.88 22.72
C TRP B 29 8.86 -31.39 23.02
N VAL B 30 8.99 -31.04 24.29
CA VAL B 30 8.98 -29.66 24.74
C VAL B 30 10.03 -29.53 25.83
N LYS B 31 10.75 -28.40 25.83
CA LYS B 31 11.65 -28.02 26.92
C LYS B 31 11.40 -26.59 27.41
N LEU B 32 11.84 -26.31 28.64
CA LEU B 32 11.69 -25.04 29.27
C LEU B 32 13.07 -24.55 29.64
N GLU B 33 13.38 -23.30 29.27
CA GLU B 33 14.73 -22.73 29.46
C GLU B 33 14.57 -21.47 30.25
N LYS B 34 15.63 -21.08 30.91
CA LYS B 34 15.69 -19.76 31.51
C LYS B 34 16.66 -18.99 30.64
N THR B 35 16.16 -17.94 29.99
CA THR B 35 16.93 -17.10 29.08
C THR B 35 17.42 -15.88 29.80
N THR B 36 18.75 -15.62 29.74
CA THR B 36 19.27 -14.33 30.17
C THR B 36 19.51 -13.42 28.97
N TYR B 37 19.06 -12.17 29.07
CA TYR B 37 19.17 -11.21 28.01
C TYR B 37 19.50 -9.80 28.53
N MET B 38 20.06 -9.00 27.64
CA MET B 38 20.46 -7.65 27.95
C MET B 38 19.28 -6.78 27.61
N ASP B 39 18.78 -6.03 28.58
CA ASP B 39 17.67 -5.12 28.31
C ASP B 39 18.31 -3.86 27.73
N PRO B 40 17.51 -2.97 27.15
CA PRO B 40 18.17 -1.90 26.39
C PRO B 40 18.85 -0.81 27.25
N THR B 41 18.58 -0.78 28.56
CA THR B 41 19.33 0.08 29.49
C THR B 41 20.71 -0.44 29.89
N GLY B 42 21.17 -1.58 29.33
CA GLY B 42 22.38 -2.27 29.82
C GLY B 42 22.18 -3.13 31.07
N LYS B 43 20.92 -3.40 31.45
CA LYS B 43 20.59 -4.24 32.61
C LYS B 43 20.25 -5.69 32.17
N THR B 44 20.74 -6.64 32.95
CA THR B 44 20.68 -8.04 32.61
C THR B 44 19.36 -8.56 33.20
N ARG B 45 18.56 -9.29 32.41
CA ARG B 45 17.21 -9.76 32.85
C ARG B 45 17.03 -11.21 32.44
N THR B 46 16.03 -11.90 33.02
CA THR B 46 15.71 -13.28 32.73
C THR B 46 14.25 -13.48 32.25
N TRP B 47 14.08 -14.53 31.51
CA TRP B 47 12.78 -14.89 30.89
C TRP B 47 12.66 -16.39 30.90
N GLU B 48 11.44 -16.86 31.15
CA GLU B 48 11.13 -18.29 31.05
C GLU B 48 10.57 -18.61 29.65
N SER B 49 11.35 -19.38 28.89
CA SER B 49 11.13 -19.62 27.50
C SER B 49 10.86 -21.08 27.21
N VAL B 50 9.92 -21.31 26.30
CA VAL B 50 9.55 -22.67 25.90
C VAL B 50 10.06 -22.89 24.49
N LYS B 51 10.60 -24.08 24.23
CA LYS B 51 10.95 -24.49 22.89
C LYS B 51 10.54 -25.94 22.61
N ARG B 52 10.36 -26.24 21.33
CA ARG B 52 10.19 -27.65 20.94
C ARG B 52 11.58 -28.29 20.82
N THR B 53 11.62 -29.58 21.05
CA THR B 53 12.87 -30.37 20.88
C THR B 53 13.06 -30.92 19.48
N THR B 54 12.09 -30.69 18.58
CA THR B 54 12.01 -31.29 17.26
C THR B 54 12.54 -30.42 16.12
N ARG B 55 12.93 -29.18 16.37
CA ARG B 55 13.30 -28.30 15.27
C ARG B 55 14.66 -28.72 14.66
N LYS B 56 14.79 -28.63 13.31
CA LYS B 56 15.94 -29.18 12.52
C LYS B 56 16.88 -28.12 11.96
N GLN B 58 15.01 -27.09 9.88
CA GLN B 58 13.81 -26.50 9.28
C GLN B 58 13.79 -24.98 9.36
N THR B 59 13.08 -24.38 8.40
CA THR B 59 12.74 -22.94 8.31
C THR B 59 11.85 -22.47 9.47
N ALA B 60 11.19 -23.43 10.11
CA ALA B 60 10.17 -23.21 11.13
C ALA B 60 9.84 -24.54 11.75
N ASP B 61 9.12 -24.54 12.87
CA ASP B 61 8.65 -25.81 13.44
C ASP B 61 7.62 -26.55 12.63
N GLY B 62 6.62 -25.78 12.16
CA GLY B 62 5.42 -26.29 11.52
C GLY B 62 4.92 -25.50 10.34
N VAL B 63 3.85 -26.02 9.76
CA VAL B 63 3.05 -25.31 8.80
C VAL B 63 1.61 -25.26 9.26
N ALA B 64 0.89 -24.22 8.82
CA ALA B 64 -0.55 -24.18 8.92
C ALA B 64 -1.03 -23.82 7.53
N VAL B 65 -2.10 -24.43 7.13
CA VAL B 65 -2.62 -24.32 5.81
C VAL B 65 -3.92 -23.54 5.84
N ILE B 66 -4.01 -22.50 5.04
CA ILE B 66 -5.27 -21.84 4.75
C ILE B 66 -5.84 -22.46 3.47
N PRO B 67 -6.83 -23.39 3.59
CA PRO B 67 -7.31 -24.20 2.44
C PRO B 67 -8.63 -23.65 1.93
N VAL B 68 -8.57 -23.07 0.74
CA VAL B 68 -9.66 -22.40 0.11
C VAL B 68 -10.32 -23.42 -0.83
N LEU B 69 -11.44 -23.96 -0.39
CA LEU B 69 -12.20 -24.95 -1.18
C LEU B 69 -13.06 -24.23 -2.22
N GLN B 70 -12.75 -24.43 -3.48
CA GLN B 70 -13.40 -23.74 -4.62
C GLN B 70 -14.27 -24.72 -5.42
N ARG B 71 -15.58 -24.54 -5.38
CA ARG B 71 -16.50 -25.37 -6.11
C ARG B 71 -17.41 -24.44 -6.87
N THR B 72 -17.59 -24.72 -8.17
CA THR B 72 -18.42 -23.85 -8.93
C THR B 72 -19.87 -23.89 -8.44
N LEU B 73 -20.53 -22.75 -8.51
CA LEU B 73 -21.89 -22.53 -8.01
C LEU B 73 -22.11 -22.73 -6.53
N HIS B 74 -21.02 -22.72 -5.77
CA HIS B 74 -21.03 -22.73 -4.31
C HIS B 74 -20.28 -21.55 -3.77
N TYR B 75 -20.58 -21.19 -2.52
CA TYR B 75 -19.66 -20.28 -1.89
C TYR B 75 -18.29 -20.90 -1.70
N GLU B 76 -17.29 -20.08 -1.83
CA GLU B 76 -15.92 -20.45 -1.47
C GLU B 76 -15.87 -20.73 0.03
N CYS B 77 -15.28 -21.86 0.40
CA CYS B 77 -15.14 -22.26 1.80
C CYS B 77 -13.68 -22.28 2.25
N ILE B 78 -13.52 -22.07 3.55
CA ILE B 78 -12.28 -22.31 4.22
C ILE B 78 -12.43 -23.61 4.96
N VAL B 79 -11.48 -24.50 4.74
CA VAL B 79 -11.57 -25.83 5.32
C VAL B 79 -10.83 -25.83 6.69
N LEU B 80 -11.49 -26.20 7.76
CA LEU B 80 -10.84 -26.17 9.09
C LEU B 80 -10.96 -27.57 9.68
N VAL B 81 -10.26 -27.79 10.77
CA VAL B 81 -10.28 -29.05 11.43
C VAL B 81 -10.61 -28.91 12.90
N LYS B 82 -11.25 -29.92 13.46
CA LYS B 82 -11.61 -29.95 14.87
C LYS B 82 -10.98 -31.19 15.49
N GLN B 83 -10.25 -30.99 16.58
CA GLN B 83 -9.56 -32.12 17.24
C GLN B 83 -9.51 -31.82 18.71
N PHE B 84 -9.36 -32.88 19.51
CA PHE B 84 -9.11 -32.76 20.93
C PHE B 84 -7.66 -32.32 21.07
N ARG B 85 -7.45 -31.32 21.91
CA ARG B 85 -6.11 -30.84 22.20
C ARG B 85 -5.78 -30.97 23.66
N PRO B 86 -4.90 -31.92 24.00
CA PRO B 86 -4.66 -32.18 25.44
C PRO B 86 -4.21 -30.98 26.27
N PRO B 87 -3.35 -30.10 25.72
CA PRO B 87 -3.05 -28.91 26.51
C PRO B 87 -4.26 -28.06 26.83
N MET B 88 -5.25 -28.01 25.92
CA MET B 88 -6.43 -27.18 26.15
C MET B 88 -7.47 -27.91 26.97
N GLY B 89 -7.33 -29.22 27.10
CA GLY B 89 -8.37 -30.03 27.78
C GLY B 89 -9.70 -30.05 27.07
N GLY B 90 -9.71 -29.80 25.77
CA GLY B 90 -10.96 -29.75 25.00
C GLY B 90 -10.72 -29.71 23.50
N TYR B 91 -11.82 -29.56 22.77
CA TYR B 91 -11.80 -29.52 21.31
C TYR B 91 -11.55 -28.10 20.80
N CYS B 92 -10.71 -27.99 19.76
CA CYS B 92 -10.33 -26.72 19.08
C CYS B 92 -10.59 -26.80 17.60
N ILE B 93 -10.92 -25.65 17.02
CA ILE B 93 -11.12 -25.49 15.59
C ILE B 93 -9.92 -24.70 15.08
N GLU B 94 -9.23 -25.28 14.11
CA GLU B 94 -7.91 -24.78 13.62
C GLU B 94 -7.76 -24.94 12.12
N PHE B 95 -6.79 -24.21 11.54
CA PHE B 95 -6.34 -24.54 10.22
C PHE B 95 -5.65 -25.89 10.25
N PRO B 96 -5.78 -26.67 9.20
CA PRO B 96 -4.91 -27.88 9.12
C PRO B 96 -3.45 -27.52 9.27
N ALA B 97 -2.72 -28.34 10.02
CA ALA B 97 -1.40 -28.01 10.42
C ALA B 97 -0.68 -29.17 11.02
N GLY B 98 0.65 -29.08 10.90
CA GLY B 98 1.52 -30.04 11.54
C GLY B 98 2.98 -29.62 11.44
N LEU B 99 3.82 -30.39 12.14
CA LEU B 99 5.24 -30.14 12.15
C LEU B 99 5.82 -30.53 10.81
N ILE B 100 6.84 -29.79 10.41
CA ILE B 100 7.58 -30.08 9.18
C ILE B 100 8.57 -31.23 9.43
N ASP B 101 8.52 -32.26 8.58
CA ASP B 101 9.48 -33.39 8.64
C ASP B 101 10.90 -32.95 8.28
N ASP B 102 11.91 -33.57 8.90
CA ASP B 102 13.33 -33.25 8.59
C ASP B 102 13.58 -33.41 7.06
N GLY B 103 14.07 -32.34 6.42
CA GLY B 103 14.30 -32.33 4.98
C GLY B 103 13.07 -32.16 4.10
N GLU B 104 11.94 -31.78 4.70
CA GLU B 104 10.70 -31.52 3.97
C GLU B 104 10.64 -30.00 3.76
N THR B 105 10.21 -29.56 2.61
CA THR B 105 9.99 -28.13 2.42
C THR B 105 8.62 -27.71 3.03
N PRO B 106 8.46 -26.43 3.36
CA PRO B 106 7.13 -26.04 3.93
C PRO B 106 5.95 -26.28 3.01
N GLU B 107 6.14 -26.02 1.74
CA GLU B 107 5.13 -26.32 0.72
C GLU B 107 4.73 -27.81 0.69
N ALA B 108 5.70 -28.70 0.82
CA ALA B 108 5.40 -30.13 0.77
C ALA B 108 4.70 -30.56 2.05
N ALA B 109 5.14 -29.99 3.19
CA ALA B 109 4.55 -30.25 4.49
C ALA B 109 3.09 -29.82 4.48
N ALA B 110 2.83 -28.73 3.77
CA ALA B 110 1.49 -28.14 3.67
C ALA B 110 0.54 -29.02 2.91
N LEU B 111 0.99 -29.52 1.75
CA LEU B 111 0.11 -30.45 1.02
C LEU B 111 -0.07 -31.78 1.68
N ARG B 112 0.99 -32.28 2.33
CA ARG B 112 0.92 -33.51 3.06
C ARG B 112 -0.05 -33.37 4.20
N GLU B 113 0.13 -32.34 5.05
CA GLU B 113 -0.75 -32.24 6.21
C GLU B 113 -2.19 -32.02 5.82
N LEU B 114 -2.41 -31.19 4.83
CA LEU B 114 -3.77 -30.97 4.33
C LEU B 114 -4.42 -32.30 3.89
N GLU B 115 -3.72 -33.10 3.12
CA GLU B 115 -4.26 -34.43 2.75
C GLU B 115 -4.50 -35.42 3.87
N GLU B 116 -3.55 -35.52 4.79
CA GLU B 116 -3.72 -36.40 5.94
C GLU B 116 -4.86 -35.95 6.83
N GLU B 117 -4.98 -34.64 7.05
CA GLU B 117 -6.00 -34.13 7.98
C GLU B 117 -7.43 -33.96 7.39
N THR B 118 -7.48 -33.73 6.08
CA THR B 118 -8.77 -33.44 5.42
C THR B 118 -9.12 -34.40 4.28
N GLY B 119 -8.11 -35.05 3.71
CA GLY B 119 -8.30 -35.81 2.47
C GLY B 119 -8.21 -34.98 1.20
N TYR B 120 -8.17 -33.64 1.27
CA TYR B 120 -8.10 -32.82 0.07
C TYR B 120 -6.69 -32.69 -0.51
N LYS B 121 -6.63 -32.68 -1.84
CA LYS B 121 -5.44 -32.44 -2.64
C LYS B 121 -5.49 -31.06 -3.20
N GLY B 122 -4.54 -30.23 -2.83
CA GLY B 122 -4.60 -28.82 -3.14
C GLY B 122 -3.39 -28.37 -3.92
N ASP B 123 -3.44 -27.11 -4.31
CA ASP B 123 -2.37 -26.43 -5.01
C ASP B 123 -1.88 -25.24 -4.21
N ILE B 124 -0.56 -25.06 -4.17
CA ILE B 124 0.04 -23.94 -3.47
C ILE B 124 -0.23 -22.60 -4.15
N ALA B 125 -0.72 -21.62 -3.38
CA ALA B 125 -0.89 -20.26 -3.85
C ALA B 125 0.20 -19.36 -3.40
N GLU B 126 0.49 -19.35 -2.11
CA GLU B 126 1.55 -18.54 -1.56
C GLU B 126 1.98 -19.18 -0.24
N CYS B 127 3.17 -18.79 0.21
CA CYS B 127 3.78 -19.34 1.41
C CYS B 127 4.40 -18.18 2.18
N SER B 128 4.04 -18.03 3.46
CA SER B 128 4.64 -16.96 4.26
C SER B 128 6.10 -17.26 4.66
N PRO B 129 6.83 -16.23 5.10
CA PRO B 129 8.03 -16.41 5.90
C PRO B 129 7.71 -17.07 7.24
N ALA B 130 8.74 -17.52 7.93
CA ALA B 130 8.44 -18.07 9.27
C ALA B 130 7.83 -16.95 10.14
N VAL B 131 6.74 -17.30 10.80
CA VAL B 131 5.97 -16.39 11.65
C VAL B 131 5.82 -16.97 13.04
N CYS B 132 5.84 -16.12 14.08
CA CYS B 132 5.81 -16.68 15.42
C CYS B 132 4.45 -16.95 16.02
N MET B 133 4.38 -18.00 16.82
CA MET B 133 3.12 -18.44 17.39
C MET B 133 2.71 -17.71 18.67
N ASP B 134 3.63 -17.56 19.64
CA ASP B 134 3.35 -16.91 20.88
C ASP B 134 4.71 -16.42 21.42
N PRO B 135 5.23 -15.33 20.86
CA PRO B 135 6.68 -15.04 21.07
C PRO B 135 7.08 -14.60 22.49
N GLY B 136 6.08 -14.24 23.31
CA GLY B 136 6.31 -13.96 24.72
C GLY B 136 6.48 -15.25 25.51
N LEU B 137 6.18 -16.37 24.89
CA LEU B 137 6.25 -17.61 25.60
C LEU B 137 7.25 -18.58 24.99
N SER B 138 7.18 -18.77 23.68
CA SER B 138 7.97 -19.78 23.00
C SER B 138 8.69 -19.24 21.78
N ASN B 139 9.62 -20.04 21.24
CA ASN B 139 10.27 -19.71 19.97
C ASN B 139 9.54 -20.33 18.78
N CYS B 140 8.34 -20.89 19.00
CA CYS B 140 7.68 -21.69 17.97
C CYS B 140 7.29 -20.84 16.80
N THR B 141 7.61 -21.35 15.62
CA THR B 141 7.25 -20.68 14.39
C THR B 141 6.64 -21.64 13.38
N ILE B 142 5.89 -21.05 12.46
CA ILE B 142 5.28 -21.78 11.39
C ILE B 142 5.38 -21.04 10.10
N HIS B 143 5.21 -21.75 8.97
CA HIS B 143 4.85 -21.09 7.72
C HIS B 143 3.34 -21.21 7.48
N ILE B 144 2.71 -20.10 7.14
CA ILE B 144 1.31 -20.10 6.73
C ILE B 144 1.29 -20.23 5.22
N VAL B 145 0.68 -21.31 4.77
CA VAL B 145 0.64 -21.71 3.36
C VAL B 145 -0.81 -21.67 2.87
N THR B 146 -1.07 -20.74 1.96
CA THR B 146 -2.37 -20.60 1.31
C THR B 146 -2.43 -21.59 0.19
N VAL B 147 -3.50 -22.39 0.18
CA VAL B 147 -3.65 -23.50 -0.78
C VAL B 147 -5.05 -23.39 -1.31
N THR B 148 -5.21 -23.55 -2.61
CA THR B 148 -6.56 -23.67 -3.17
C THR B 148 -6.86 -25.16 -3.41
N ILE B 149 -8.12 -25.54 -3.31
CA ILE B 149 -8.59 -26.90 -3.55
C ILE B 149 -9.69 -26.85 -4.63
N ASN B 150 -9.47 -27.55 -5.74
CA ASN B 150 -10.45 -27.52 -6.80
C ASN B 150 -11.38 -28.60 -6.43
N GLY B 151 -12.49 -28.20 -5.83
CA GLY B 151 -13.46 -29.13 -5.31
C GLY B 151 -14.26 -29.88 -6.40
N ASP B 152 -14.13 -29.46 -7.64
CA ASP B 152 -14.81 -30.05 -8.77
C ASP B 152 -13.96 -31.15 -9.40
N ASP B 153 -12.69 -31.29 -8.98
CA ASP B 153 -11.84 -32.37 -9.52
C ASP B 153 -12.24 -33.65 -8.88
N ALA B 154 -12.12 -34.74 -9.64
CA ALA B 154 -12.46 -36.06 -9.17
C ALA B 154 -11.65 -36.49 -7.94
N GLU B 155 -10.40 -36.06 -7.81
CA GLU B 155 -9.59 -36.50 -6.66
C GLU B 155 -10.13 -35.92 -5.33
N ASN B 156 -10.94 -34.86 -5.41
CA ASN B 156 -11.49 -34.18 -4.24
C ASN B 156 -12.99 -34.47 -4.11
N ALA B 157 -13.49 -35.47 -4.85
CA ALA B 157 -14.90 -35.82 -4.76
C ALA B 157 -15.21 -36.40 -3.41
N ARG B 158 -14.51 -37.50 -3.08
CA ARG B 158 -14.70 -38.26 -1.85
C ARG B 158 -13.36 -38.21 -1.10
N PRO B 159 -13.07 -37.06 -0.47
CA PRO B 159 -11.72 -36.92 0.11
C PRO B 159 -11.53 -37.87 1.31
N LYS B 160 -10.51 -38.72 1.27
CA LYS B 160 -10.22 -39.66 2.36
C LYS B 160 -9.12 -39.10 3.30
N PRO B 161 -9.48 -38.71 4.55
CA PRO B 161 -8.48 -38.32 5.57
C PRO B 161 -7.62 -39.51 6.00
N LYS B 162 -6.29 -39.33 6.01
CA LYS B 162 -5.32 -40.34 6.45
C LYS B 162 -4.75 -39.98 7.83
N PRO B 163 -5.51 -40.22 8.91
CA PRO B 163 -4.99 -39.93 10.24
C PRO B 163 -3.77 -40.77 10.59
N GLY B 164 -2.67 -40.12 10.97
CA GLY B 164 -1.53 -40.83 11.53
C GLY B 164 -1.93 -41.53 12.84
N ASP B 165 -0.97 -42.27 13.39
CA ASP B 165 -1.17 -42.89 14.69
C ASP B 165 -1.42 -41.79 15.73
N GLY B 166 -2.50 -41.91 16.48
CA GLY B 166 -2.87 -40.91 17.48
C GLY B 166 -3.40 -39.57 16.95
N GLU B 167 -3.99 -39.56 15.76
CA GLU B 167 -4.67 -38.37 15.22
C GLU B 167 -6.14 -38.72 14.93
N PHE B 168 -7.03 -37.81 15.29
CA PHE B 168 -8.48 -38.05 15.23
C PHE B 168 -9.17 -36.69 14.93
N VAL B 169 -9.36 -36.44 13.64
CA VAL B 169 -9.60 -35.08 13.13
C VAL B 169 -10.91 -35.03 12.36
N GLU B 170 -11.82 -34.14 12.74
CA GLU B 170 -13.05 -33.88 12.00
C GLU B 170 -12.87 -32.66 11.13
N VAL B 171 -13.51 -32.63 9.96
CA VAL B 171 -13.28 -31.58 8.99
C VAL B 171 -14.51 -30.70 9.04
N ILE B 172 -14.33 -29.38 9.04
CA ILE B 172 -15.45 -28.45 9.08
C ILE B 172 -15.13 -27.39 8.03
N SER B 173 -15.96 -27.35 6.98
CA SER B 173 -15.87 -26.36 5.92
C SER B 173 -16.87 -25.27 6.09
N LEU B 174 -16.39 -24.03 6.16
CA LEU B 174 -17.23 -22.91 6.41
C LEU B 174 -17.10 -21.90 5.30
N PRO B 175 -18.25 -21.29 4.90
CA PRO B 175 -18.11 -20.27 3.84
C PRO B 175 -17.21 -19.12 4.22
N LYS B 176 -16.30 -18.75 3.32
CA LYS B 176 -15.37 -17.66 3.51
C LYS B 176 -16.06 -16.29 3.78
N ASN B 177 -17.08 -15.96 2.99
CA ASN B 177 -17.74 -14.65 3.09
C ASN B 177 -18.56 -14.44 4.39
N ASP B 178 -18.73 -15.47 5.21
CA ASP B 178 -19.42 -15.33 6.50
C ASP B 178 -18.61 -15.93 7.64
N LEU B 179 -17.28 -16.07 7.47
CA LEU B 179 -16.53 -16.97 8.34
C LEU B 179 -16.62 -16.57 9.81
N LEU B 180 -16.48 -15.30 10.11
CA LEU B 180 -16.49 -14.85 11.51
C LEU B 180 -17.81 -15.19 12.26
N GLN B 181 -18.94 -14.94 11.59
CA GLN B 181 -20.27 -15.26 12.17
C GLN B 181 -20.45 -16.77 12.31
N ARG B 182 -19.97 -17.56 11.34
CA ARG B 182 -20.06 -19.00 11.50
C ARG B 182 -19.22 -19.55 12.65
N LEU B 183 -18.01 -18.98 12.86
CA LEU B 183 -17.19 -19.39 13.99
C LEU B 183 -17.79 -19.02 15.34
N ASP B 184 -18.28 -17.80 15.42
CA ASP B 184 -18.96 -17.32 16.63
C ASP B 184 -20.11 -18.26 17.01
N ALA B 185 -20.85 -18.73 16.02
CA ALA B 185 -21.95 -19.67 16.27
C ALA B 185 -21.49 -21.00 16.81
N LEU B 186 -20.44 -21.57 16.21
CA LEU B 186 -19.87 -22.80 16.73
C LEU B 186 -19.40 -22.71 18.17
N VAL B 187 -18.77 -21.59 18.53
CA VAL B 187 -18.33 -21.37 19.90
C VAL B 187 -19.54 -21.31 20.87
N ALA B 188 -20.60 -20.63 20.45
CA ALA B 188 -21.78 -20.44 21.32
C ALA B 188 -22.52 -21.74 21.54
N GLU B 189 -22.66 -22.55 20.51
CA GLU B 189 -23.46 -23.74 20.59
C GLU B 189 -22.66 -25.00 20.93
N GLU B 190 -21.42 -25.10 20.45
CA GLU B 190 -20.65 -26.36 20.57
C GLU B 190 -19.57 -26.32 21.71
N HIS B 191 -19.37 -25.18 22.37
CA HIS B 191 -18.33 -25.04 23.43
C HIS B 191 -16.90 -25.49 22.96
N LEU B 192 -16.57 -25.12 21.72
CA LEU B 192 -15.25 -25.31 21.12
C LEU B 192 -14.38 -24.06 21.35
N THR B 193 -13.06 -24.20 21.18
CA THR B 193 -12.18 -23.05 21.23
C THR B 193 -11.62 -22.83 19.81
N VAL B 194 -11.80 -21.62 19.25
CA VAL B 194 -11.29 -21.29 17.95
C VAL B 194 -9.83 -20.83 18.09
N ASP B 195 -9.01 -21.28 17.16
CA ASP B 195 -7.62 -20.86 17.11
C ASP B 195 -7.45 -19.39 16.78
N ALA B 196 -6.46 -18.74 17.39
CA ALA B 196 -6.32 -17.30 17.23
C ALA B 196 -6.01 -16.86 15.81
N ARG B 197 -5.23 -17.71 15.08
CA ARG B 197 -4.92 -17.42 13.72
C ARG B 197 -6.19 -17.46 12.83
N VAL B 198 -6.99 -18.47 13.03
CA VAL B 198 -8.26 -18.59 12.32
C VAL B 198 -9.18 -17.40 12.62
N TYR B 199 -9.30 -17.07 13.88
CA TYR B 199 -10.08 -15.90 14.29
C TYR B 199 -9.58 -14.61 13.70
N SER B 200 -8.27 -14.40 13.66
CA SER B 200 -7.68 -13.22 13.11
C SER B 200 -7.95 -13.08 11.63
N TYR B 201 -7.86 -14.22 10.91
CA TYR B 201 -8.18 -14.31 9.46
C TYR B 201 -9.66 -13.89 9.27
N ALA B 202 -10.55 -14.48 10.07
CA ALA B 202 -11.96 -14.20 9.96
C ALA B 202 -12.34 -12.76 10.23
N LEU B 203 -11.70 -12.16 11.23
CA LEU B 203 -11.89 -10.77 11.54
C LEU B 203 -11.48 -9.89 10.38
N ALA B 204 -10.29 -10.12 9.82
CA ALA B 204 -9.85 -9.33 8.68
C ALA B 204 -10.77 -9.48 7.47
N LEU B 205 -11.38 -10.66 7.24
CA LEU B 205 -12.31 -10.77 6.11
C LEU B 205 -13.47 -9.81 6.32
N LYS B 206 -13.91 -9.65 7.56
CA LYS B 206 -14.97 -8.64 7.84
C LYS B 206 -14.44 -7.19 7.78
N HIS B 207 -13.26 -6.92 8.32
CA HIS B 207 -12.69 -5.56 8.36
C HIS B 207 -12.19 -5.01 7.00
N ALA B 208 -11.97 -5.90 6.03
CA ALA B 208 -11.55 -5.45 4.70
C ALA B 208 -12.54 -4.44 4.09
N ASN B 209 -11.93 -3.49 3.40
CA ASN B 209 -12.47 -2.36 2.60
C ASN B 209 -12.83 -1.14 3.43
N GLN C 16 -13.14 20.14 2.85
CA GLN C 16 -13.92 20.46 1.60
C GLN C 16 -14.39 19.18 0.94
N TYR C 17 -15.52 19.25 0.24
CA TYR C 17 -16.08 18.07 -0.39
C TYR C 17 -17.05 18.45 -1.50
N ILE C 18 -17.33 17.47 -2.33
CA ILE C 18 -18.20 17.64 -3.48
C ILE C 18 -19.65 17.47 -3.07
N ILE C 19 -20.50 18.42 -3.48
CA ILE C 19 -21.95 18.38 -3.19
C ILE C 19 -22.67 17.77 -4.39
N SER C 20 -22.36 18.20 -5.60
CA SER C 20 -23.01 17.63 -6.78
C SER C 20 -22.21 17.86 -8.04
N GLU C 21 -22.47 16.99 -9.02
CA GLU C 21 -21.84 17.00 -10.35
C GLU C 21 -22.98 17.01 -11.34
N GLU C 22 -23.22 18.16 -11.96
CA GLU C 22 -24.33 18.33 -12.90
C GLU C 22 -23.75 18.39 -14.30
N LEU C 23 -24.32 17.60 -15.21
CA LEU C 23 -23.80 17.48 -16.57
C LEU C 23 -24.20 18.64 -17.51
N ILE C 24 -23.23 19.41 -18.03
CA ILE C 24 -23.47 20.49 -19.04
C ILE C 24 -23.51 19.95 -20.48
N SER C 25 -22.49 19.21 -20.94
CA SER C 25 -22.48 18.60 -22.28
C SER C 25 -21.65 17.32 -22.29
N GLU C 26 -22.00 16.38 -23.16
CA GLU C 26 -21.36 15.08 -23.16
C GLU C 26 -21.20 14.63 -24.58
N GLY C 27 -19.96 14.53 -25.06
CA GLY C 27 -19.66 13.96 -26.36
C GLY C 27 -19.30 12.50 -26.35
N LYS C 28 -18.73 11.99 -27.44
CA LYS C 28 -18.17 10.60 -27.44
C LYS C 28 -16.93 10.42 -26.53
N TRP C 29 -16.11 11.48 -26.38
CA TRP C 29 -14.83 11.38 -25.67
C TRP C 29 -14.70 12.17 -24.40
N VAL C 30 -15.35 13.31 -24.34
CA VAL C 30 -15.16 14.29 -23.26
C VAL C 30 -16.51 14.77 -22.76
N LYS C 31 -16.60 15.10 -21.47
CA LYS C 31 -17.80 15.68 -20.90
C LYS C 31 -17.44 16.93 -20.15
N LEU C 32 -18.37 17.86 -20.09
CA LEU C 32 -18.18 19.08 -19.33
C LEU C 32 -19.22 19.04 -18.20
N GLU C 33 -18.83 19.43 -16.98
CA GLU C 33 -19.75 19.46 -15.82
C GLU C 33 -19.74 20.72 -14.98
N LYS C 34 -20.85 20.90 -14.27
CA LYS C 34 -21.00 21.95 -13.25
C LYS C 34 -20.74 21.25 -11.96
N THR C 35 -19.66 21.63 -11.24
CA THR C 35 -19.30 21.03 -9.94
C THR C 35 -19.75 21.96 -8.81
N THR C 36 -20.49 21.47 -7.82
CA THR C 36 -20.79 22.30 -6.64
C THR C 36 -20.11 21.72 -5.44
N TYR C 37 -19.41 22.56 -4.66
CA TYR C 37 -18.51 22.06 -3.61
C TYR C 37 -18.58 22.95 -2.39
N MET C 38 -18.32 22.39 -1.20
CA MET C 38 -18.21 23.18 0.04
C MET C 38 -16.78 23.64 0.24
N ASP C 39 -16.60 24.96 0.43
CA ASP C 39 -15.25 25.50 0.68
C ASP C 39 -14.85 25.31 2.11
N PRO C 40 -13.59 25.73 2.45
CA PRO C 40 -13.23 25.38 3.85
C PRO C 40 -13.99 26.20 4.95
N THR C 41 -14.55 27.37 4.62
CA THR C 41 -15.33 28.17 5.57
C THR C 41 -16.82 27.78 5.67
N GLY C 42 -17.30 26.82 4.86
CA GLY C 42 -18.73 26.47 4.79
C GLY C 42 -19.56 27.19 3.73
N LYS C 43 -18.94 28.07 2.91
CA LYS C 43 -19.59 28.63 1.73
C LYS C 43 -19.61 27.62 0.60
N THR C 44 -20.76 27.58 -0.08
CA THR C 44 -21.00 26.67 -1.20
C THR C 44 -20.46 27.45 -2.46
N ARG C 45 -19.63 26.79 -3.26
CA ARG C 45 -19.07 27.39 -4.46
C ARG C 45 -19.23 26.42 -5.61
N THR C 46 -18.94 26.88 -6.81
CA THR C 46 -19.07 26.06 -8.00
C THR C 46 -17.79 26.12 -8.87
N TRP C 47 -17.67 25.16 -9.77
CA TRP C 47 -16.50 25.02 -10.66
C TRP C 47 -16.94 24.40 -11.98
N GLU C 48 -16.26 24.77 -13.07
CA GLU C 48 -16.49 24.11 -14.36
C GLU C 48 -15.43 23.03 -14.58
N SER C 49 -15.87 21.77 -14.57
CA SER C 49 -14.97 20.59 -14.61
C SER C 49 -15.13 19.74 -15.86
N VAL C 50 -14.02 19.18 -16.32
CA VAL C 50 -13.97 18.33 -17.48
C VAL C 50 -13.57 16.92 -17.08
N LYS C 51 -14.21 15.93 -17.71
CA LYS C 51 -13.90 14.51 -17.52
C LYS C 51 -13.96 13.77 -18.86
N ARG C 52 -13.22 12.69 -18.98
CA ARG C 52 -13.28 11.84 -20.19
C ARG C 52 -14.45 10.91 -19.97
N THR C 53 -15.03 10.42 -21.06
CA THR C 53 -16.15 9.44 -20.97
C THR C 53 -15.74 7.96 -21.06
N THR C 54 -14.44 7.72 -21.15
CA THR C 54 -13.83 6.43 -21.50
C THR C 54 -13.32 5.69 -20.25
N ARG C 55 -13.45 6.28 -19.06
CA ARG C 55 -12.80 5.77 -17.84
C ARG C 55 -13.69 4.78 -17.10
N LYS C 56 -13.13 3.63 -16.71
CA LYS C 56 -13.84 2.58 -15.97
C LYS C 56 -13.38 2.56 -14.51
N GLN C 58 -10.52 1.14 -14.11
CA GLN C 58 -9.33 1.81 -14.59
C GLN C 58 -8.71 2.58 -13.45
N THR C 59 -7.45 2.25 -13.15
CA THR C 59 -6.61 2.98 -12.15
C THR C 59 -6.46 4.48 -12.49
N ALA C 60 -6.52 4.74 -13.78
CA ALA C 60 -6.29 6.07 -14.35
C ALA C 60 -6.85 6.07 -15.75
N ASP C 61 -6.92 7.25 -16.37
CA ASP C 61 -7.36 7.30 -17.75
C ASP C 61 -6.36 6.69 -18.67
N GLY C 62 -5.08 7.00 -18.41
CA GLY C 62 -4.04 6.65 -19.40
C GLY C 62 -2.72 6.30 -18.80
N VAL C 63 -1.77 6.04 -19.66
CA VAL C 63 -0.37 5.95 -19.21
C VAL C 63 0.51 6.88 -20.05
N ALA C 64 1.61 7.32 -19.47
CA ALA C 64 2.68 8.00 -20.21
C ALA C 64 3.94 7.22 -19.92
N VAL C 65 4.72 6.94 -20.95
CA VAL C 65 5.87 6.09 -20.83
C VAL C 65 7.13 6.96 -20.88
N ILE C 66 7.99 6.85 -19.87
CA ILE C 66 9.33 7.45 -19.93
C ILE C 66 10.27 6.34 -20.47
N PRO C 67 10.61 6.36 -21.79
CA PRO C 67 11.33 5.21 -22.36
C PRO C 67 12.82 5.54 -22.47
N VAL C 68 13.58 4.85 -21.67
CA VAL C 68 14.98 5.15 -21.51
C VAL C 68 15.68 4.12 -22.41
N LEU C 69 16.28 4.65 -23.47
CA LEU C 69 17.06 3.83 -24.43
C LEU C 69 18.48 3.66 -23.92
N GLN C 70 18.85 2.41 -23.62
CA GLN C 70 20.10 2.01 -22.99
C GLN C 70 20.97 1.24 -23.97
N ARG C 71 22.21 1.68 -24.14
CA ARG C 71 23.11 1.03 -25.12
C ARG C 71 24.48 1.01 -24.52
N THR C 72 25.23 -0.06 -24.78
CA THR C 72 26.55 -0.30 -24.18
C THR C 72 27.48 0.85 -24.42
N LEU C 73 27.44 1.38 -25.63
CA LEU C 73 28.47 2.36 -26.04
C LEU C 73 28.12 3.77 -25.80
N HIS C 74 26.86 4.04 -25.37
CA HIS C 74 26.35 5.39 -25.38
C HIS C 74 25.73 5.83 -24.06
N TYR C 75 25.65 7.15 -23.88
CA TYR C 75 24.79 7.66 -22.82
C TYR C 75 23.33 7.33 -23.20
N GLU C 76 22.49 7.36 -22.18
CA GLU C 76 21.06 7.06 -22.37
C GLU C 76 20.38 8.14 -23.17
N CYS C 77 19.37 7.70 -23.93
CA CYS C 77 18.45 8.57 -24.60
C CYS C 77 17.06 8.43 -24.00
N ILE C 78 16.31 9.51 -24.13
CA ILE C 78 14.88 9.50 -23.85
C ILE C 78 14.17 9.49 -25.19
N VAL C 79 13.25 8.54 -25.35
CA VAL C 79 12.51 8.38 -26.64
C VAL C 79 11.21 9.15 -26.56
N LEU C 80 11.00 10.11 -27.43
CA LEU C 80 9.78 10.97 -27.40
C LEU C 80 9.08 10.79 -28.77
N VAL C 81 7.83 11.21 -28.82
CA VAL C 81 7.01 11.18 -30.07
C VAL C 81 6.55 12.56 -30.40
N LYS C 82 6.48 12.84 -31.71
CA LYS C 82 5.89 14.06 -32.20
C LYS C 82 4.69 13.70 -33.01
N GLN C 83 3.62 14.41 -32.73
CA GLN C 83 2.34 14.23 -33.38
C GLN C 83 1.52 15.49 -33.45
N PHE C 84 0.68 15.54 -34.50
CA PHE C 84 -0.29 16.57 -34.59
C PHE C 84 -1.39 16.33 -33.58
N ARG C 85 -1.71 17.37 -32.83
CA ARG C 85 -2.69 17.33 -31.75
C ARG C 85 -3.78 18.30 -32.05
N PRO C 86 -5.00 17.77 -32.43
CA PRO C 86 -6.04 18.74 -32.86
C PRO C 86 -6.42 19.82 -31.86
N PRO C 87 -6.51 19.50 -30.54
CA PRO C 87 -6.85 20.56 -29.63
C PRO C 87 -5.82 21.74 -29.60
N MET C 88 -4.55 21.44 -29.86
CA MET C 88 -3.49 22.40 -29.96
C MET C 88 -3.37 23.10 -31.32
N GLY C 89 -3.94 22.51 -32.35
CA GLY C 89 -3.81 23.02 -33.71
C GLY C 89 -2.38 22.99 -34.22
N GLY C 90 -1.59 22.05 -33.73
CA GLY C 90 -0.23 21.89 -34.20
C GLY C 90 0.44 20.71 -33.56
N TYR C 91 1.77 20.68 -33.73
CA TYR C 91 2.57 19.53 -33.40
C TYR C 91 3.06 19.63 -31.99
N CYS C 92 3.04 18.47 -31.33
CA CYS C 92 3.55 18.37 -29.94
C CYS C 92 4.57 17.33 -29.77
N ILE C 93 5.50 17.57 -28.83
CA ILE C 93 6.52 16.64 -28.47
C ILE C 93 6.18 16.09 -27.06
N GLU C 94 6.02 14.78 -26.98
CA GLU C 94 5.46 14.11 -25.77
C GLU C 94 6.11 12.82 -25.49
N PHE C 95 5.98 12.37 -24.23
CA PHE C 95 6.20 10.94 -23.98
C PHE C 95 5.18 10.08 -24.75
N PRO C 96 5.62 8.92 -25.26
CA PRO C 96 4.63 7.95 -25.79
C PRO C 96 3.55 7.73 -24.73
N ALA C 97 2.31 7.68 -25.16
CA ALA C 97 1.23 7.62 -24.22
C ALA C 97 -0.03 7.15 -24.88
N GLY C 98 -0.98 6.65 -24.06
CA GLY C 98 -2.33 6.41 -24.58
C GLY C 98 -3.26 5.95 -23.46
N LEU C 99 -4.53 5.85 -23.78
CA LEU C 99 -5.56 5.40 -22.78
C LEU C 99 -5.37 3.94 -22.44
N ILE C 100 -5.62 3.57 -21.18
CA ILE C 100 -5.56 2.17 -20.75
C ILE C 100 -6.85 1.42 -21.21
N ASP C 101 -6.67 0.30 -21.91
CA ASP C 101 -7.83 -0.48 -22.42
C ASP C 101 -8.57 -1.09 -21.24
N ASP C 102 -9.87 -1.34 -21.40
CA ASP C 102 -10.64 -1.96 -20.31
C ASP C 102 -10.04 -3.36 -20.06
N GLY C 103 -9.75 -3.67 -18.80
CA GLY C 103 -9.16 -4.96 -18.44
C GLY C 103 -7.65 -5.05 -18.56
N GLU C 104 -7.00 -3.95 -18.98
CA GLU C 104 -5.57 -3.91 -19.23
C GLU C 104 -4.92 -3.33 -18.02
N THR C 105 -3.77 -3.86 -17.63
CA THR C 105 -3.01 -3.23 -16.58
C THR C 105 -2.21 -1.96 -17.10
N PRO C 106 -1.89 -1.01 -16.20
CA PRO C 106 -1.05 0.14 -16.70
C PRO C 106 0.26 -0.33 -17.32
N GLU C 107 0.90 -1.33 -16.70
CA GLU C 107 2.13 -1.86 -17.20
C GLU C 107 2.03 -2.42 -18.62
N ALA C 108 0.96 -3.16 -18.89
CA ALA C 108 0.77 -3.80 -20.17
C ALA C 108 0.42 -2.66 -21.17
N ALA C 109 -0.40 -1.69 -20.75
CA ALA C 109 -0.72 -0.54 -21.58
C ALA C 109 0.55 0.19 -22.01
N ALA C 110 1.49 0.32 -21.09
CA ALA C 110 2.70 1.11 -21.33
C ALA C 110 3.54 0.42 -22.41
N LEU C 111 3.76 -0.88 -22.23
CA LEU C 111 4.57 -1.63 -23.21
C LEU C 111 3.89 -1.67 -24.57
N ARG C 112 2.56 -1.78 -24.55
CA ARG C 112 1.79 -1.77 -25.80
C ARG C 112 1.90 -0.42 -26.54
N GLU C 113 1.62 0.68 -25.84
CA GLU C 113 1.67 1.99 -26.45
C GLU C 113 3.10 2.30 -26.88
N LEU C 114 4.06 1.88 -26.06
CA LEU C 114 5.47 2.11 -26.44
C LEU C 114 5.78 1.45 -27.79
N GLU C 115 5.50 0.16 -27.86
CA GLU C 115 5.70 -0.60 -29.11
C GLU C 115 4.96 -0.04 -30.31
N GLU C 116 3.70 0.33 -30.12
CA GLU C 116 2.91 0.93 -31.18
C GLU C 116 3.44 2.25 -31.72
N GLU C 117 3.85 3.16 -30.81
CA GLU C 117 4.12 4.52 -31.19
C GLU C 117 5.59 4.69 -31.62
N THR C 118 6.46 3.80 -31.16
CA THR C 118 7.89 3.87 -31.46
C THR C 118 8.53 2.66 -32.12
N GLY C 119 7.90 1.47 -32.04
CA GLY C 119 8.54 0.20 -32.40
C GLY C 119 9.46 -0.48 -31.41
N TYR C 120 9.84 0.23 -30.32
CA TYR C 120 10.68 -0.35 -29.34
C TYR C 120 10.01 -1.38 -28.43
N LYS C 121 10.73 -2.47 -28.20
CA LYS C 121 10.33 -3.41 -27.21
C LYS C 121 11.06 -3.15 -25.86
N GLY C 122 10.32 -2.78 -24.84
CA GLY C 122 10.87 -2.41 -23.53
C GLY C 122 10.58 -3.31 -22.34
N ASP C 123 11.15 -2.96 -21.21
CA ASP C 123 11.03 -3.74 -19.98
C ASP C 123 10.54 -2.73 -18.90
N ILE C 124 9.50 -3.10 -18.13
CA ILE C 124 9.02 -2.20 -17.09
C ILE C 124 10.11 -2.00 -16.06
N ALA C 125 10.39 -0.75 -15.69
CA ALA C 125 11.25 -0.44 -14.56
C ALA C 125 10.46 -0.02 -13.34
N GLU C 126 9.47 0.83 -13.52
CA GLU C 126 8.73 1.40 -12.37
C GLU C 126 7.39 1.96 -12.88
N CYS C 127 6.40 2.02 -12.00
CA CYS C 127 5.09 2.54 -12.37
C CYS C 127 4.61 3.45 -11.22
N SER C 128 4.30 4.68 -11.55
CA SER C 128 3.79 5.64 -10.57
C SER C 128 2.42 5.31 -10.09
N PRO C 129 2.05 5.92 -8.95
CA PRO C 129 0.60 5.93 -8.71
C PRO C 129 -0.14 6.82 -9.73
N ALA C 130 -1.46 6.78 -9.73
CA ALA C 130 -2.25 7.72 -10.58
C ALA C 130 -1.98 9.17 -10.21
N VAL C 131 -1.59 9.97 -11.23
CA VAL C 131 -1.11 11.38 -11.03
C VAL C 131 -1.96 12.25 -11.97
N CYS C 132 -2.36 13.44 -11.48
CA CYS C 132 -3.33 14.24 -12.19
C CYS C 132 -2.62 15.07 -13.30
N MET C 133 -3.33 15.25 -14.37
CA MET C 133 -2.83 16.05 -15.52
C MET C 133 -3.00 17.56 -15.45
N ASP C 134 -4.16 18.00 -14.98
CA ASP C 134 -4.49 19.41 -15.00
C ASP C 134 -5.65 19.60 -13.99
N PRO C 135 -5.31 19.50 -12.69
CA PRO C 135 -6.41 19.23 -11.76
C PRO C 135 -7.39 20.40 -11.48
N GLY C 136 -6.99 21.61 -11.84
CA GLY C 136 -7.88 22.77 -11.83
C GLY C 136 -8.84 22.78 -13.00
N LEU C 137 -8.68 21.83 -13.93
CA LEU C 137 -9.55 21.76 -15.08
C LEU C 137 -10.29 20.46 -15.23
N SER C 138 -9.62 19.31 -15.06
CA SER C 138 -10.11 18.04 -15.44
C SER C 138 -9.75 17.08 -14.32
N ASN C 139 -10.43 15.94 -14.30
CA ASN C 139 -10.08 14.85 -13.36
C ASN C 139 -9.09 13.88 -13.99
N CYS C 140 -8.57 14.23 -15.16
CA CYS C 140 -7.74 13.29 -15.91
C CYS C 140 -6.49 12.86 -15.17
N THR C 141 -6.23 11.56 -15.18
CA THR C 141 -5.07 10.96 -14.52
C THR C 141 -4.34 9.99 -15.42
N ILE C 142 -3.06 9.82 -15.11
CA ILE C 142 -2.25 8.77 -15.74
C ILE C 142 -1.40 8.06 -14.73
N HIS C 143 -0.85 6.90 -15.12
CA HIS C 143 0.33 6.43 -14.48
C HIS C 143 1.50 6.78 -15.40
N ILE C 144 2.58 7.20 -14.78
CA ILE C 144 3.86 7.43 -15.47
C ILE C 144 4.66 6.17 -15.24
N VAL C 145 4.97 5.52 -16.36
CA VAL C 145 5.65 4.26 -16.30
C VAL C 145 7.03 4.38 -16.97
N THR C 146 8.05 4.14 -16.19
CA THR C 146 9.42 4.18 -16.66
C THR C 146 9.71 2.84 -17.30
N VAL C 147 10.20 2.86 -18.57
CA VAL C 147 10.45 1.62 -19.30
C VAL C 147 11.86 1.67 -19.85
N THR C 148 12.64 0.64 -19.64
CA THR C 148 14.02 0.60 -20.19
C THR C 148 13.95 -0.12 -21.54
N ILE C 149 14.72 0.33 -22.53
CA ILE C 149 14.77 -0.35 -23.82
C ILE C 149 16.22 -0.76 -24.02
N ASN C 150 16.49 -2.05 -24.23
CA ASN C 150 17.84 -2.51 -24.55
C ASN C 150 18.06 -2.24 -26.05
N GLY C 151 18.80 -1.18 -26.31
CA GLY C 151 19.09 -0.72 -27.68
C GLY C 151 20.09 -1.57 -28.41
N ASP C 152 20.77 -2.49 -27.73
CA ASP C 152 21.75 -3.38 -28.33
C ASP C 152 21.16 -4.73 -28.63
N ASP C 153 19.90 -4.94 -28.29
CA ASP C 153 19.26 -6.20 -28.62
C ASP C 153 18.94 -6.13 -30.07
N ALA C 154 19.20 -7.24 -30.78
CA ALA C 154 18.86 -7.28 -32.20
C ALA C 154 17.36 -6.95 -32.47
N GLU C 155 16.46 -7.37 -31.58
CA GLU C 155 15.05 -7.06 -31.76
C GLU C 155 14.70 -5.56 -31.75
N ASN C 156 15.58 -4.73 -31.21
CA ASN C 156 15.44 -3.29 -31.24
C ASN C 156 16.28 -2.56 -32.30
N ALA C 157 16.91 -3.33 -33.18
CA ALA C 157 17.78 -2.78 -34.22
C ALA C 157 17.05 -1.89 -35.25
N ARG C 158 15.88 -2.30 -35.70
CA ARG C 158 15.18 -1.52 -36.72
C ARG C 158 13.76 -1.30 -36.23
N PRO C 159 13.60 -0.57 -35.11
CA PRO C 159 12.24 -0.39 -34.60
C PRO C 159 11.27 0.25 -35.60
N LYS C 160 10.06 -0.31 -35.74
CA LYS C 160 9.03 0.25 -36.62
C LYS C 160 7.75 0.47 -35.85
N PRO C 161 7.32 1.74 -35.70
CA PRO C 161 6.04 1.97 -35.08
C PRO C 161 4.99 1.24 -35.87
N LYS C 162 3.95 0.74 -35.21
CA LYS C 162 2.75 0.21 -35.90
C LYS C 162 1.60 1.03 -35.35
N PRO C 163 1.35 2.21 -35.91
CA PRO C 163 0.34 3.06 -35.32
C PRO C 163 -1.05 2.61 -35.73
N GLY C 164 -2.03 2.87 -34.88
CA GLY C 164 -3.43 2.69 -35.25
C GLY C 164 -3.76 3.51 -36.49
N ASP C 165 -4.83 3.13 -37.18
CA ASP C 165 -5.37 3.95 -38.27
C ASP C 165 -5.71 5.32 -37.67
N GLY C 166 -5.36 6.39 -38.37
CA GLY C 166 -5.47 7.73 -37.78
C GLY C 166 -4.34 8.20 -36.84
N GLU C 167 -3.50 7.29 -36.31
CA GLU C 167 -2.30 7.68 -35.55
C GLU C 167 -1.14 7.90 -36.52
N PHE C 168 -0.48 9.05 -36.42
CA PHE C 168 0.64 9.42 -37.26
C PHE C 168 1.71 9.98 -36.33
N VAL C 169 2.78 9.23 -36.12
CA VAL C 169 3.76 9.55 -35.07
C VAL C 169 5.16 9.43 -35.58
N GLU C 170 5.97 10.43 -35.24
CA GLU C 170 7.38 10.50 -35.55
C GLU C 170 8.11 10.37 -34.22
N VAL C 171 9.18 9.62 -34.24
CA VAL C 171 9.98 9.29 -33.09
C VAL C 171 11.19 10.18 -33.10
N ILE C 172 11.48 10.75 -31.92
CA ILE C 172 12.70 11.54 -31.69
C ILE C 172 13.37 10.99 -30.41
N SER C 173 14.63 10.60 -30.49
CA SER C 173 15.41 10.17 -29.32
C SER C 173 16.42 11.21 -29.00
N LEU C 174 16.42 11.70 -27.75
CA LEU C 174 17.30 12.78 -27.33
C LEU C 174 18.10 12.32 -26.14
N PRO C 175 19.40 12.75 -26.04
CA PRO C 175 20.25 12.30 -24.96
C PRO C 175 19.72 12.82 -23.61
N LYS C 176 19.67 11.92 -22.65
CA LYS C 176 19.15 12.27 -21.34
C LYS C 176 19.98 13.37 -20.69
N ASN C 177 21.31 13.34 -20.92
CA ASN C 177 22.23 14.26 -20.31
C ASN C 177 22.27 15.65 -20.98
N ASP C 178 21.45 15.86 -22.01
CA ASP C 178 21.30 17.21 -22.62
C ASP C 178 19.86 17.47 -23.02
N LEU C 179 18.91 16.87 -22.27
CA LEU C 179 17.53 16.87 -22.74
C LEU C 179 16.92 18.24 -22.98
N LEU C 180 17.05 19.11 -21.97
CA LEU C 180 16.41 20.39 -21.98
C LEU C 180 16.92 21.27 -23.13
N GLN C 181 18.25 21.34 -23.26
CA GLN C 181 18.90 22.07 -24.40
C GLN C 181 18.48 21.54 -25.74
N ARG C 182 18.38 20.24 -25.85
CA ARG C 182 17.96 19.62 -27.08
C ARG C 182 16.52 19.88 -27.37
N LEU C 183 15.66 19.92 -26.33
CA LEU C 183 14.27 20.28 -26.55
C LEU C 183 14.14 21.79 -26.97
N ASP C 184 14.85 22.65 -26.27
CA ASP C 184 14.99 24.08 -26.61
C ASP C 184 15.38 24.31 -28.05
N ALA C 185 16.32 23.53 -28.55
CA ALA C 185 16.75 23.58 -29.96
C ALA C 185 15.72 23.11 -30.97
N LEU C 186 14.93 22.08 -30.67
CA LEU C 186 13.77 21.73 -31.54
C LEU C 186 12.67 22.76 -31.63
N VAL C 187 12.39 23.44 -30.52
CA VAL C 187 11.37 24.46 -30.41
C VAL C 187 11.78 25.72 -31.20
N ALA C 188 13.08 26.00 -31.22
CA ALA C 188 13.64 27.11 -32.02
C ALA C 188 13.58 26.84 -33.52
N GLU C 189 13.81 25.59 -33.94
CA GLU C 189 13.82 25.26 -35.36
C GLU C 189 12.42 25.23 -36.02
N GLU C 190 11.36 24.92 -35.23
CA GLU C 190 10.03 24.65 -35.79
C GLU C 190 8.92 25.07 -34.82
N HIS C 191 7.70 25.24 -35.33
CA HIS C 191 6.54 25.55 -34.50
C HIS C 191 6.07 24.21 -33.92
N LEU C 192 6.49 23.99 -32.69
CA LEU C 192 6.07 22.81 -31.97
C LEU C 192 6.08 23.10 -30.50
N THR C 193 5.24 22.33 -29.77
CA THR C 193 5.03 22.57 -28.37
C THR C 193 5.49 21.33 -27.60
N VAL C 194 6.29 21.56 -26.55
CA VAL C 194 6.76 20.46 -25.71
C VAL C 194 5.69 20.22 -24.61
N ASP C 195 5.44 18.96 -24.31
CA ASP C 195 4.53 18.56 -23.23
C ASP C 195 5.07 19.02 -21.86
N ALA C 196 4.17 19.48 -21.01
CA ALA C 196 4.57 19.94 -19.66
C ALA C 196 5.22 18.89 -18.81
N ARG C 197 4.83 17.62 -18.94
CA ARG C 197 5.53 16.57 -18.18
C ARG C 197 6.93 16.30 -18.71
N VAL C 198 7.06 16.28 -20.01
CA VAL C 198 8.36 16.20 -20.64
C VAL C 198 9.31 17.35 -20.18
N TYR C 199 8.84 18.57 -20.21
CA TYR C 199 9.64 19.71 -19.82
C TYR C 199 10.01 19.69 -18.37
N SER C 200 9.08 19.26 -17.52
CA SER C 200 9.37 19.14 -16.09
C SER C 200 10.44 18.12 -15.85
N TYR C 201 10.39 17.01 -16.58
CA TYR C 201 11.37 15.95 -16.46
C TYR C 201 12.74 16.52 -16.89
N ALA C 202 12.78 17.21 -18.02
CA ALA C 202 14.05 17.79 -18.54
C ALA C 202 14.63 18.82 -17.55
N LEU C 203 13.75 19.58 -16.92
CA LEU C 203 14.24 20.64 -16.00
C LEU C 203 14.93 19.96 -14.76
N ALA C 204 14.29 18.92 -14.23
CA ALA C 204 14.90 18.19 -13.07
C ALA C 204 16.22 17.50 -13.46
N LEU C 205 16.33 16.97 -14.68
CA LEU C 205 17.57 16.37 -15.06
C LEU C 205 18.68 17.44 -15.03
N LYS C 206 18.38 18.64 -15.53
CA LYS C 206 19.31 19.78 -15.46
C LYS C 206 19.59 20.18 -14.01
N HIS C 207 18.58 20.21 -13.16
CA HIS C 207 18.73 20.66 -11.75
C HIS C 207 19.41 19.69 -10.80
N ALA C 208 19.40 18.40 -11.12
CA ALA C 208 20.08 17.42 -10.28
C ALA C 208 21.60 17.71 -10.28
N LYS D 15 1.93 19.67 -43.14
CA LYS D 15 1.39 18.31 -43.46
C LYS D 15 -0.06 18.16 -42.95
N GLN D 16 -0.31 18.17 -41.63
CA GLN D 16 -1.68 18.19 -41.12
C GLN D 16 -2.17 19.59 -40.74
N TYR D 17 -3.48 19.84 -40.75
CA TYR D 17 -4.02 21.18 -40.37
C TYR D 17 -5.42 21.14 -39.87
N ILE D 18 -5.78 22.24 -39.18
CA ILE D 18 -7.13 22.53 -38.66
C ILE D 18 -7.95 23.09 -39.83
N ILE D 19 -9.13 22.52 -40.05
CA ILE D 19 -10.06 22.94 -41.13
C ILE D 19 -11.14 23.81 -40.48
N SER D 20 -11.66 23.40 -39.33
CA SER D 20 -12.68 24.17 -38.64
C SER D 20 -12.86 23.80 -37.17
N GLU D 21 -13.43 24.74 -36.44
CA GLU D 21 -13.66 24.66 -35.01
C GLU D 21 -15.12 25.04 -34.70
N GLU D 22 -15.93 24.05 -34.36
CA GLU D 22 -17.33 24.28 -34.01
C GLU D 22 -17.48 24.37 -32.50
N LEU D 23 -17.99 25.51 -32.02
CA LEU D 23 -18.31 25.67 -30.61
C LEU D 23 -19.44 24.73 -30.25
N ILE D 24 -19.23 23.89 -29.22
CA ILE D 24 -20.27 22.96 -28.75
C ILE D 24 -20.94 23.47 -27.49
N SER D 25 -20.15 23.89 -26.51
CA SER D 25 -20.71 24.42 -25.26
C SER D 25 -19.64 25.32 -24.63
N GLU D 26 -20.07 26.45 -24.05
CA GLU D 26 -19.18 27.49 -23.52
C GLU D 26 -19.71 28.06 -22.20
N GLY D 27 -18.97 27.87 -21.12
CA GLY D 27 -19.32 28.43 -19.79
C GLY D 27 -18.40 29.62 -19.54
N LYS D 28 -18.29 30.03 -18.27
CA LYS D 28 -17.48 31.19 -17.89
C LYS D 28 -15.97 31.01 -18.02
N TRP D 29 -15.48 29.80 -17.74
CA TRP D 29 -14.06 29.47 -17.71
C TRP D 29 -13.57 28.45 -18.76
N VAL D 30 -14.46 27.57 -19.22
CA VAL D 30 -14.10 26.43 -20.05
C VAL D 30 -15.11 26.26 -21.16
N LYS D 31 -14.64 25.81 -22.32
CA LYS D 31 -15.50 25.57 -23.50
C LYS D 31 -15.05 24.32 -24.23
N LEU D 32 -16.00 23.71 -24.95
CA LEU D 32 -15.85 22.45 -25.62
C LEU D 32 -16.14 22.70 -27.11
N GLU D 33 -15.29 22.16 -27.99
CA GLU D 33 -15.37 22.39 -29.44
C GLU D 33 -15.22 21.10 -30.17
N LYS D 34 -15.89 21.00 -31.32
CA LYS D 34 -15.61 19.94 -32.27
C LYS D 34 -14.61 20.47 -33.31
N THR D 35 -13.47 19.80 -33.40
CA THR D 35 -12.39 20.18 -34.27
C THR D 35 -12.37 19.29 -35.50
N THR D 36 -12.40 19.90 -36.69
CA THR D 36 -12.16 19.13 -37.89
C THR D 36 -10.76 19.40 -38.41
N TYR D 37 -10.05 18.36 -38.79
CA TYR D 37 -8.69 18.50 -39.31
C TYR D 37 -8.39 17.51 -40.40
N MET D 38 -7.28 17.72 -41.13
CA MET D 38 -6.83 16.86 -42.20
C MET D 38 -5.65 16.03 -41.75
N ASP D 39 -5.76 14.70 -41.80
CA ASP D 39 -4.60 13.84 -41.56
C ASP D 39 -3.56 13.93 -42.69
N PRO D 40 -2.40 13.25 -42.55
CA PRO D 40 -1.40 13.43 -43.62
C PRO D 40 -1.84 12.75 -44.93
N THR D 41 -2.42 11.55 -44.81
CA THR D 41 -2.98 10.80 -45.97
C THR D 41 -4.04 11.57 -46.77
N GLY D 42 -4.57 12.66 -46.22
CA GLY D 42 -5.49 13.54 -46.92
C GLY D 42 -6.95 13.37 -46.53
N LYS D 43 -7.23 12.54 -45.54
CA LYS D 43 -8.60 12.35 -45.02
C LYS D 43 -8.98 13.36 -43.90
N THR D 44 -10.26 13.73 -43.90
CA THR D 44 -10.89 14.67 -42.97
C THR D 44 -11.37 13.94 -41.70
N ARG D 45 -10.85 14.31 -40.51
CA ARG D 45 -11.32 13.72 -39.25
C ARG D 45 -11.80 14.75 -38.20
N THR D 46 -12.42 14.30 -37.12
CA THR D 46 -12.80 15.23 -36.03
C THR D 46 -12.20 14.88 -34.66
N TRP D 47 -12.33 15.83 -33.72
CA TRP D 47 -11.79 15.67 -32.37
C TRP D 47 -12.60 16.53 -31.42
N GLU D 48 -12.75 16.11 -30.18
CA GLU D 48 -13.41 16.91 -29.19
C GLU D 48 -12.34 17.57 -28.31
N SER D 49 -12.30 18.90 -28.35
CA SER D 49 -11.26 19.73 -27.69
C SER D 49 -11.81 20.68 -26.66
N VAL D 50 -11.04 20.88 -25.60
CA VAL D 50 -11.39 21.70 -24.48
C VAL D 50 -10.46 22.89 -24.57
N LYS D 51 -11.00 24.09 -24.36
CA LYS D 51 -10.19 25.32 -24.25
C LYS D 51 -10.70 26.16 -23.11
N ARG D 52 -9.85 27.02 -22.56
CA ARG D 52 -10.30 28.01 -21.60
C ARG D 52 -10.80 29.25 -22.35
N THR D 53 -11.62 30.02 -21.66
CA THR D 53 -12.24 31.24 -22.22
C THR D 53 -11.44 32.53 -21.97
N THR D 54 -10.22 32.44 -21.41
CA THR D 54 -9.16 33.45 -21.68
C THR D 54 -8.00 32.88 -22.46
N ALA D 60 0.45 32.25 -23.08
CA ALA D 60 -0.02 31.02 -22.48
C ALA D 60 -1.21 31.26 -21.53
N ASP D 61 -1.90 30.19 -21.11
CA ASP D 61 -2.96 30.36 -20.14
C ASP D 61 -2.43 30.74 -18.72
N GLY D 62 -1.43 29.97 -18.28
CA GLY D 62 -0.93 29.99 -16.91
C GLY D 62 0.58 29.94 -16.72
N VAL D 63 0.95 29.93 -15.42
CA VAL D 63 2.30 29.60 -15.00
C VAL D 63 2.20 28.54 -13.92
N ALA D 64 3.24 27.71 -13.90
CA ALA D 64 3.55 26.83 -12.76
C ALA D 64 4.94 27.18 -12.31
N VAL D 65 5.12 27.30 -11.00
CA VAL D 65 6.39 27.66 -10.44
C VAL D 65 7.07 26.49 -9.74
N ILE D 66 8.33 26.26 -10.09
CA ILE D 66 9.18 25.31 -9.41
C ILE D 66 10.05 26.12 -8.43
N PRO D 67 9.64 26.17 -7.16
CA PRO D 67 10.31 27.06 -6.20
C PRO D 67 11.36 26.29 -5.37
N VAL D 68 12.62 26.65 -5.54
CA VAL D 68 13.76 26.01 -4.87
C VAL D 68 14.23 26.92 -3.72
N LEU D 69 13.96 26.49 -2.52
CA LEU D 69 14.25 27.25 -1.27
C LEU D 69 15.67 26.90 -0.85
N GLN D 70 16.56 27.91 -0.85
CA GLN D 70 18.00 27.69 -0.67
C GLN D 70 18.43 28.41 0.62
N ARG D 71 19.15 27.70 1.49
CA ARG D 71 19.73 28.30 2.70
C ARG D 71 21.21 27.84 2.73
N THR D 72 22.18 28.71 3.03
CA THR D 72 23.56 28.21 3.10
C THR D 72 23.70 27.19 4.23
N LEU D 73 24.59 26.22 4.00
CA LEU D 73 24.80 25.13 4.94
C LEU D 73 23.56 24.19 5.15
N HIS D 74 22.57 24.23 4.22
CA HIS D 74 21.37 23.40 4.33
C HIS D 74 21.08 22.77 2.93
N TYR D 75 20.26 21.73 2.93
CA TYR D 75 19.81 21.09 1.67
C TYR D 75 18.77 22.06 1.08
N GLU D 76 18.53 21.93 -0.21
CA GLU D 76 17.44 22.63 -0.88
C GLU D 76 16.13 21.92 -0.67
N CYS D 77 15.06 22.70 -0.68
CA CYS D 77 13.70 22.18 -0.56
C CYS D 77 12.88 22.68 -1.75
N ILE D 78 11.85 21.93 -2.12
CA ILE D 78 10.99 22.29 -3.25
C ILE D 78 9.67 22.60 -2.57
N VAL D 79 9.18 23.82 -2.79
CA VAL D 79 7.99 24.26 -2.12
C VAL D 79 6.79 23.91 -2.98
N LEU D 80 5.89 23.11 -2.45
CA LEU D 80 4.72 22.64 -3.16
C LEU D 80 3.54 23.19 -2.43
N VAL D 81 2.32 23.00 -3.00
CA VAL D 81 1.11 23.48 -2.37
C VAL D 81 0.06 22.41 -2.45
N LYS D 82 -0.79 22.34 -1.42
CA LYS D 82 -1.93 21.39 -1.42
C LYS D 82 -3.19 22.14 -1.36
N GLN D 83 -4.13 21.73 -2.20
CA GLN D 83 -5.45 22.35 -2.25
C GLN D 83 -6.50 21.42 -2.75
N PHE D 84 -7.74 21.69 -2.39
CA PHE D 84 -8.88 21.00 -2.93
C PHE D 84 -9.11 21.40 -4.39
N ARG D 85 -9.23 20.40 -5.26
CA ARG D 85 -9.47 20.62 -6.68
C ARG D 85 -10.83 19.99 -7.05
N PRO D 86 -11.85 20.84 -7.26
CA PRO D 86 -13.19 20.35 -7.56
C PRO D 86 -13.25 19.38 -8.72
N PRO D 87 -12.48 19.60 -9.82
CA PRO D 87 -12.59 18.57 -10.82
C PRO D 87 -12.10 17.16 -10.40
N MET D 88 -11.13 17.10 -9.48
CA MET D 88 -10.58 15.83 -9.00
C MET D 88 -11.40 15.29 -7.83
N GLY D 89 -12.33 16.08 -7.30
CA GLY D 89 -13.01 15.63 -6.09
C GLY D 89 -12.13 15.43 -4.86
N GLY D 90 -11.00 16.14 -4.74
CA GLY D 90 -10.06 15.78 -3.72
C GLY D 90 -8.90 16.71 -3.74
N TYR D 91 -8.04 16.49 -2.77
CA TYR D 91 -6.91 17.35 -2.55
C TYR D 91 -5.72 16.89 -3.45
N CYS D 92 -4.97 17.86 -3.99
CA CYS D 92 -3.88 17.61 -4.89
C CYS D 92 -2.66 18.35 -4.41
N ILE D 93 -1.49 17.77 -4.67
CA ILE D 93 -0.22 18.39 -4.36
C ILE D 93 0.40 18.81 -5.68
N GLU D 94 0.68 20.12 -5.80
CA GLU D 94 1.07 20.75 -7.05
C GLU D 94 2.18 21.73 -6.83
N PHE D 95 2.85 22.10 -7.95
CA PHE D 95 3.66 23.29 -7.97
C PHE D 95 2.73 24.49 -7.82
N PRO D 96 3.18 25.55 -7.13
CA PRO D 96 2.31 26.76 -7.13
C PRO D 96 2.05 27.25 -8.56
N ALA D 97 0.83 27.72 -8.79
CA ALA D 97 0.41 28.01 -10.18
C ALA D 97 -0.78 28.91 -10.18
N GLY D 98 -0.96 29.60 -11.31
CA GLY D 98 -2.14 30.44 -11.52
C GLY D 98 -2.20 30.94 -12.92
N LEU D 99 -3.36 31.50 -13.31
CA LEU D 99 -3.47 32.13 -14.64
C LEU D 99 -2.70 33.42 -14.72
N ILE D 100 -2.25 33.73 -15.93
CA ILE D 100 -1.53 34.97 -16.19
C ILE D 100 -2.64 36.03 -16.41
N ASP D 101 -2.51 37.13 -15.68
CA ASP D 101 -3.41 38.30 -15.79
C ASP D 101 -3.16 39.01 -17.14
N ASP D 102 -4.18 39.66 -17.68
CA ASP D 102 -3.99 40.48 -18.92
C ASP D 102 -2.87 41.53 -18.73
N GLY D 103 -1.93 41.58 -19.67
CA GLY D 103 -0.77 42.51 -19.62
C GLY D 103 0.49 42.02 -18.92
N GLU D 104 0.30 41.12 -17.97
CA GLU D 104 1.34 40.66 -17.05
C GLU D 104 2.22 39.64 -17.73
N THR D 105 3.53 39.75 -17.52
CA THR D 105 4.48 38.81 -18.11
C THR D 105 4.41 37.47 -17.33
N PRO D 106 4.85 36.36 -17.95
CA PRO D 106 4.96 35.08 -17.19
C PRO D 106 5.83 35.16 -15.93
N GLU D 107 7.00 35.76 -16.05
CA GLU D 107 7.91 35.93 -14.90
C GLU D 107 7.22 36.65 -13.78
N ALA D 108 6.49 37.73 -14.06
CA ALA D 108 5.87 38.48 -12.99
C ALA D 108 4.69 37.71 -12.44
N ALA D 109 3.97 37.01 -13.31
CA ALA D 109 2.89 36.14 -12.82
C ALA D 109 3.43 35.04 -11.86
N ALA D 110 4.59 34.51 -12.22
CA ALA D 110 5.23 33.46 -11.42
C ALA D 110 5.57 34.02 -10.01
N LEU D 111 6.26 35.16 -9.96
CA LEU D 111 6.61 35.76 -8.62
C LEU D 111 5.35 36.14 -7.83
N ARG D 112 4.31 36.60 -8.51
CA ARG D 112 3.10 36.98 -7.82
C ARG D 112 2.39 35.78 -7.26
N GLU D 113 2.20 34.77 -8.12
CA GLU D 113 1.53 33.52 -7.71
C GLU D 113 2.34 32.82 -6.59
N LEU D 114 3.67 32.85 -6.67
CA LEU D 114 4.45 32.17 -5.60
C LEU D 114 4.20 32.87 -4.25
N GLU D 115 4.33 34.20 -4.24
CA GLU D 115 4.06 35.01 -3.03
C GLU D 115 2.63 34.86 -2.50
N GLU D 116 1.62 34.93 -3.38
CA GLU D 116 0.25 34.66 -2.96
C GLU D 116 0.00 33.30 -2.32
N GLU D 117 0.50 32.22 -2.94
CA GLU D 117 0.17 30.89 -2.51
C GLU D 117 1.11 30.41 -1.38
N THR D 118 2.30 30.98 -1.31
CA THR D 118 3.29 30.55 -0.33
C THR D 118 3.87 31.60 0.62
N GLY D 119 3.85 32.87 0.27
CA GLY D 119 4.51 33.94 1.08
C GLY D 119 5.93 34.27 0.61
N TYR D 120 6.60 33.33 -0.07
CA TYR D 120 7.94 33.56 -0.47
C TYR D 120 8.12 34.60 -1.58
N LYS D 121 9.28 35.25 -1.56
CA LYS D 121 9.70 36.29 -2.48
C LYS D 121 10.89 35.69 -3.21
N GLY D 122 10.65 35.36 -4.48
CA GLY D 122 11.59 34.66 -5.28
C GLY D 122 12.36 35.47 -6.26
N ASP D 123 13.40 34.85 -6.80
CA ASP D 123 14.18 35.36 -7.88
C ASP D 123 14.00 34.42 -9.09
N ILE D 124 13.81 35.01 -10.28
CA ILE D 124 13.63 34.21 -11.48
C ILE D 124 14.95 33.55 -11.83
N ALA D 125 14.96 32.22 -12.00
CA ALA D 125 16.12 31.48 -12.47
C ALA D 125 15.98 31.24 -13.97
N GLU D 126 14.81 30.78 -14.41
CA GLU D 126 14.54 30.47 -15.84
C GLU D 126 13.04 30.36 -16.11
N CYS D 127 12.67 30.51 -17.37
CA CYS D 127 11.26 30.45 -17.75
C CYS D 127 11.14 29.65 -19.05
N SER D 128 10.24 28.67 -19.07
CA SER D 128 10.08 27.81 -20.23
C SER D 128 9.32 28.55 -21.29
N PRO D 129 9.34 28.02 -22.52
CA PRO D 129 8.35 28.43 -23.47
C PRO D 129 7.01 27.86 -23.05
N ALA D 130 5.98 28.21 -23.77
CA ALA D 130 4.67 27.68 -23.45
C ALA D 130 4.68 26.17 -23.70
N VAL D 131 4.18 25.42 -22.71
CA VAL D 131 4.18 23.95 -22.74
C VAL D 131 2.74 23.47 -22.52
N CYS D 132 2.37 22.36 -23.16
CA CYS D 132 1.00 21.90 -23.17
C CYS D 132 0.67 21.01 -21.96
N MET D 133 -0.47 21.32 -21.38
CA MET D 133 -0.97 20.58 -20.23
C MET D 133 -1.53 19.17 -20.50
N ASP D 134 -2.32 19.00 -21.56
CA ASP D 134 -2.84 17.70 -21.92
C ASP D 134 -3.29 17.83 -23.40
N PRO D 135 -2.36 17.65 -24.35
CA PRO D 135 -2.61 18.17 -25.70
C PRO D 135 -3.57 17.30 -26.48
N GLY D 136 -3.76 16.04 -26.06
CA GLY D 136 -4.83 15.22 -26.64
C GLY D 136 -6.25 15.58 -26.20
N LEU D 137 -6.38 16.48 -25.22
CA LEU D 137 -7.65 16.90 -24.64
C LEU D 137 -7.94 18.39 -24.78
N SER D 138 -6.97 19.24 -24.46
CA SER D 138 -7.18 20.68 -24.37
C SER D 138 -6.04 21.42 -25.04
N ASN D 139 -6.27 22.70 -25.32
CA ASN D 139 -5.22 23.53 -25.87
C ASN D 139 -4.46 24.23 -24.75
N CYS D 140 -4.62 23.85 -23.49
CA CYS D 140 -4.15 24.69 -22.39
C CYS D 140 -2.62 24.59 -22.29
N THR D 141 -1.99 25.71 -22.01
CA THR D 141 -0.56 25.80 -21.92
C THR D 141 -0.15 26.60 -20.67
N ILE D 142 1.06 26.36 -20.24
CA ILE D 142 1.68 27.18 -19.19
C ILE D 142 3.09 27.50 -19.54
N HIS D 143 3.64 28.44 -18.79
CA HIS D 143 5.09 28.57 -18.70
C HIS D 143 5.48 27.95 -17.37
N ILE D 144 6.47 27.08 -17.41
CA ILE D 144 7.08 26.57 -16.18
C ILE D 144 8.24 27.46 -15.82
N VAL D 145 8.15 28.04 -14.60
CA VAL D 145 9.09 29.08 -14.23
C VAL D 145 9.87 28.60 -13.02
N THR D 146 11.20 28.47 -13.17
CA THR D 146 12.05 28.04 -12.05
C THR D 146 12.41 29.29 -11.25
N VAL D 147 12.18 29.25 -9.94
CA VAL D 147 12.37 30.43 -9.04
C VAL D 147 13.14 29.99 -7.82
N THR D 148 14.24 30.69 -7.52
CA THR D 148 15.05 30.39 -6.32
C THR D 148 14.57 31.33 -5.24
N ILE D 149 14.58 30.83 -4.01
CA ILE D 149 14.10 31.55 -2.86
C ILE D 149 15.34 31.66 -2.00
N ASN D 150 15.75 32.88 -1.69
CA ASN D 150 16.90 33.11 -0.80
C ASN D 150 16.37 33.04 0.59
N GLY D 151 16.42 31.82 1.15
CA GLY D 151 15.91 31.58 2.48
C GLY D 151 16.80 32.25 3.57
N ASP D 152 17.96 32.79 3.20
CA ASP D 152 18.81 33.58 4.18
C ASP D 152 18.45 35.09 4.17
N ASP D 153 17.29 35.43 3.61
CA ASP D 153 16.76 36.78 3.67
C ASP D 153 15.64 36.83 4.69
N ALA D 154 15.64 37.95 5.41
CA ALA D 154 14.66 38.18 6.46
C ALA D 154 13.22 38.03 5.95
N GLU D 155 12.93 38.60 4.78
CA GLU D 155 11.59 38.53 4.17
C GLU D 155 11.10 37.10 3.93
N ASN D 156 12.04 36.18 3.73
CA ASN D 156 11.75 34.74 3.60
C ASN D 156 11.91 33.94 4.92
N ALA D 157 12.20 34.63 6.03
CA ALA D 157 12.36 33.94 7.32
C ALA D 157 11.15 33.04 7.68
N ARG D 158 9.96 33.63 7.70
CA ARG D 158 8.72 32.91 8.02
C ARG D 158 7.51 33.62 7.42
N PRO D 159 7.44 33.69 6.08
CA PRO D 159 6.32 34.39 5.39
C PRO D 159 5.06 33.53 5.39
N LYS D 160 3.90 34.20 5.25
CA LYS D 160 2.57 33.56 5.16
C LYS D 160 1.87 33.93 3.84
N PRO D 161 1.06 33.00 3.32
CA PRO D 161 0.44 33.20 2.01
C PRO D 161 -0.67 34.26 2.10
N LYS D 162 -0.81 35.10 1.08
CA LYS D 162 -1.98 36.00 0.94
C LYS D 162 -2.92 35.49 -0.17
N PRO D 163 -3.82 34.55 0.18
CA PRO D 163 -4.69 34.01 -0.88
C PRO D 163 -5.76 34.99 -1.34
N GLY D 164 -6.23 34.82 -2.58
CA GLY D 164 -7.44 35.49 -3.05
C GLY D 164 -8.67 34.89 -2.37
N ASP D 165 -9.85 35.47 -2.66
CA ASP D 165 -11.11 34.97 -2.07
C ASP D 165 -11.35 33.64 -2.73
N GLY D 166 -11.82 32.67 -1.95
CA GLY D 166 -11.99 31.32 -2.45
C GLY D 166 -10.75 30.47 -2.71
N GLU D 167 -9.54 30.97 -2.43
CA GLU D 167 -8.29 30.20 -2.56
C GLU D 167 -7.92 29.76 -1.17
N PHE D 168 -7.68 28.46 -0.98
CA PHE D 168 -7.34 27.91 0.32
C PHE D 168 -6.16 26.98 0.09
N VAL D 169 -4.96 27.39 0.49
CA VAL D 169 -3.75 26.63 0.09
C VAL D 169 -2.92 26.26 1.30
N GLU D 170 -2.48 25.00 1.41
CA GLU D 170 -1.47 24.58 2.40
C GLU D 170 -0.13 24.45 1.71
N VAL D 171 0.90 25.04 2.30
CA VAL D 171 2.27 24.94 1.79
C VAL D 171 2.86 23.63 2.32
N ILE D 172 3.57 22.94 1.43
CA ILE D 172 4.23 21.65 1.76
C ILE D 172 5.62 21.74 1.17
N SER D 173 6.60 21.92 2.02
CA SER D 173 7.98 22.06 1.57
C SER D 173 8.70 20.73 1.77
N LEU D 174 9.23 20.13 0.71
CA LEU D 174 9.83 18.79 0.79
C LEU D 174 11.27 18.88 0.40
N PRO D 175 12.13 18.04 1.01
CA PRO D 175 13.51 18.06 0.61
C PRO D 175 13.65 17.62 -0.84
N LYS D 176 14.37 18.40 -1.61
CA LYS D 176 14.65 18.08 -3.01
C LYS D 176 15.33 16.68 -3.13
N ASN D 177 16.30 16.43 -2.24
CA ASN D 177 17.08 15.21 -2.24
C ASN D 177 16.31 13.92 -2.02
N ASP D 178 15.07 13.97 -1.53
CA ASP D 178 14.34 12.78 -1.34
C ASP D 178 12.94 12.98 -1.79
N LEU D 179 12.77 13.80 -2.82
CA LEU D 179 11.46 14.17 -3.25
C LEU D 179 10.50 13.06 -3.66
N LEU D 180 10.97 12.14 -4.49
CA LEU D 180 10.12 11.09 -4.97
C LEU D 180 9.56 10.24 -3.82
N GLN D 181 10.43 9.84 -2.87
CA GLN D 181 10.03 8.96 -1.76
C GLN D 181 9.06 9.70 -0.87
N ARG D 182 9.30 10.99 -0.67
CA ARG D 182 8.35 11.80 0.15
C ARG D 182 6.99 11.86 -0.47
N LEU D 183 6.94 12.02 -1.78
CA LEU D 183 5.68 12.03 -2.49
C LEU D 183 4.99 10.69 -2.44
N ASP D 184 5.76 9.63 -2.66
CA ASP D 184 5.17 8.30 -2.57
C ASP D 184 4.58 8.02 -1.16
N ALA D 185 5.25 8.50 -0.12
CA ALA D 185 4.83 8.25 1.25
C ALA D 185 3.53 9.01 1.53
N LEU D 186 3.46 10.26 1.06
CA LEU D 186 2.19 10.99 1.15
C LEU D 186 1.03 10.28 0.52
N VAL D 187 1.25 9.73 -0.67
CA VAL D 187 0.25 9.01 -1.40
C VAL D 187 -0.16 7.71 -0.74
N ALA D 188 0.78 7.07 -0.04
CA ALA D 188 0.49 5.82 0.64
C ALA D 188 -0.42 6.02 1.86
N GLU D 189 -0.33 7.22 2.43
CA GLU D 189 -0.92 7.50 3.73
C GLU D 189 -2.15 8.37 3.68
N GLU D 190 -2.29 9.21 2.65
CA GLU D 190 -3.26 10.30 2.67
C GLU D 190 -4.08 10.33 1.41
N HIS D 191 -5.32 10.83 1.59
CA HIS D 191 -6.29 10.93 0.56
C HIS D 191 -5.86 12.16 -0.26
N LEU D 192 -4.98 11.93 -1.22
CA LEU D 192 -4.57 13.06 -2.07
C LEU D 192 -3.96 12.52 -3.36
N THR D 193 -3.85 13.39 -4.37
CA THR D 193 -3.24 13.05 -5.66
C THR D 193 -2.05 14.00 -5.95
N VAL D 194 -0.94 13.44 -6.41
CA VAL D 194 0.20 14.24 -6.75
C VAL D 194 0.01 14.60 -8.22
N ASP D 195 0.42 15.79 -8.57
CA ASP D 195 0.36 16.23 -9.96
C ASP D 195 1.45 15.56 -10.78
N ALA D 196 1.13 15.33 -12.04
CA ALA D 196 2.02 14.67 -12.98
C ALA D 196 3.30 15.40 -13.26
N ARG D 197 3.25 16.73 -13.22
N ARG D 197 3.24 16.76 -13.30
CA ARG D 197 4.43 17.54 -13.48
CA ARG D 197 4.46 17.61 -13.46
C ARG D 197 5.38 17.49 -12.27
C ARG D 197 5.39 17.43 -12.26
N VAL D 198 4.83 17.49 -11.05
CA VAL D 198 5.62 17.33 -9.82
C VAL D 198 6.26 15.92 -9.80
N TYR D 199 5.49 14.91 -10.17
CA TYR D 199 5.97 13.53 -10.15
C TYR D 199 7.07 13.33 -11.22
N SER D 200 6.87 13.90 -12.39
CA SER D 200 7.89 13.83 -13.46
C SER D 200 9.15 14.53 -13.01
N TYR D 201 9.05 15.71 -12.40
CA TYR D 201 10.23 16.38 -11.79
C TYR D 201 10.94 15.45 -10.80
N ALA D 202 10.15 14.86 -9.89
CA ALA D 202 10.72 14.04 -8.83
C ALA D 202 11.43 12.76 -9.41
N LEU D 203 10.82 12.19 -10.44
CA LEU D 203 11.41 11.04 -11.17
C LEU D 203 12.74 11.34 -11.77
N ALA D 204 12.82 12.47 -12.46
CA ALA D 204 14.03 12.87 -13.14
C ALA D 204 15.19 13.19 -12.14
N LEU D 205 14.86 13.67 -10.94
CA LEU D 205 15.91 13.80 -9.91
C LEU D 205 16.60 12.47 -9.57
N LYS D 206 15.85 11.37 -9.62
CA LYS D 206 16.43 10.06 -9.44
C LYS D 206 17.11 9.55 -10.71
N HIS D 207 16.50 9.81 -11.86
CA HIS D 207 17.07 9.27 -13.14
C HIS D 207 18.31 9.93 -13.66
N ALA D 208 18.51 11.19 -13.27
CA ALA D 208 19.70 11.97 -13.60
C ALA D 208 20.97 11.21 -13.35
N ASN D 209 21.96 11.46 -14.22
CA ASN D 209 23.26 10.75 -14.35
C ASN D 209 23.23 9.65 -15.42
MG MG E . 2.79 -6.61 25.61
MG MG F . 2.41 -4.46 28.18
CL CL G . -6.89 -17.28 -2.05
N1 K1D H . 3.16 -35.08 21.37
N3 K1D H . 3.70 -31.51 23.27
C4 K1D H . 3.08 -35.00 22.74
C5 K1D H . 3.52 -32.78 22.81
C6 K1D H . 3.88 -30.75 22.18
C7 K1D H . 3.60 -32.78 21.39
N K1D H . 3.52 -33.96 19.28
C K1D H . 3.59 -34.10 17.17
C1 K1D H . 4.10 -33.04 18.22
C2 K1D H . 3.11 -35.05 18.31
C3 K1D H . 3.42 -33.97 20.68
N2 K1D H . 3.28 -33.90 23.54
N4 K1D H . 3.82 -31.49 21.00
C1 EDO I . -0.52 -15.95 26.16
O1 EDO I . 0.67 -16.77 26.10
C2 EDO I . -0.26 -14.59 25.55
O2 EDO I . -0.09 -14.68 24.12
C1 EDO J . -11.77 -23.71 -9.78
O1 EDO J . -10.75 -24.62 -9.32
C2 EDO J . -13.00 -24.50 -10.22
O2 EDO J . -13.50 -25.27 -9.09
MG MG K . -2.11 -31.32 12.94
MG MG L . 0.02 -35.40 11.64
N1 K1D M . 8.36 -12.85 32.35
N3 K1D M . 7.78 -16.42 30.23
C4 K1D M . 9.34 -13.79 32.26
C5 K1D M . 8.12 -15.30 31.02
C6 K1D M . 6.56 -16.17 29.80
C7 K1D M . 7.04 -14.37 31.04
N K1D M . 6.09 -12.31 31.88
C K1D M . 4.61 -10.86 31.87
C1 K1D M . 4.80 -12.22 31.15
C2 K1D M . 6.12 -10.86 32.31
C3 K1D M . 7.18 -13.15 31.73
N2 K1D M . 9.31 -15.00 31.65
N4 K1D M . 6.07 -14.96 30.24
C1 EDO N . 4.33 -24.91 16.72
O1 EDO N . 4.13 -25.07 18.14
C2 EDO N . 3.14 -25.42 15.91
O2 EDO N . 2.05 -24.51 16.09
C1 EDO O . 14.60 -7.38 -24.65
O1 EDO O . 15.10 -6.28 -25.47
C2 EDO O . 15.57 -7.75 -23.55
O2 EDO O . 15.55 -6.75 -22.48
MG MG P . -2.29 6.79 -28.13
MG MG Q . -0.79 8.27 -27.89
N1 K1D R . -13.05 28.77 -11.80
N3 K1D R . -12.75 25.74 -14.62
C4 K1D R . -14.13 27.93 -12.09
C5 K1D R . -13.03 26.70 -13.65
C6 K1D R . -11.46 25.98 -14.94
C7 K1D R . -11.86 27.52 -13.42
N K1D R . -10.69 29.22 -12.17
C K1D R . -9.28 30.74 -11.91
C1 K1D R . -9.62 29.74 -13.06
C2 K1D R . -10.67 30.43 -11.28
C3 K1D R . -11.91 28.54 -12.48
N2 K1D R . -14.19 26.89 -12.97
N4 K1D R . -10.91 27.02 -14.23
C1 EDO S . -4.47 11.44 -20.85
O1 EDO S . -3.41 12.38 -20.86
C2 EDO S . -5.55 11.97 -19.91
O2 EDO S . -6.26 13.03 -20.59
MG MG T . -3.22 28.43 -8.00
MG MG U . -3.57 30.56 -8.48
N1 K1D V . -10.64 11.28 -30.02
N3 K1D V . -11.08 14.33 -27.25
C4 K1D V . -11.41 12.39 -30.26
C5 K1D V . -11.07 13.37 -28.28
C6 K1D V . -10.29 13.79 -26.31
C7 K1D V . -10.24 12.28 -27.93
N K1D V . -9.13 10.19 -28.52
C K1D V . -8.45 8.24 -28.08
C1 K1D V . -8.97 9.44 -27.22
C2 K1D V . -9.07 8.93 -29.33
C3 K1D V . -10.04 11.22 -28.83
N2 K1D V . -11.68 13.45 -29.48
N4 K1D V . -9.77 12.59 -26.69
C1 EDO W . -3.60 25.58 -16.20
O1 EDO W . -2.94 24.36 -15.86
C2 EDO W . -4.12 25.48 -17.63
O2 EDO W . -5.33 24.67 -17.69
#